data_2K0V
# 
_entry.id   2K0V 
# 
_audit_conform.dict_name       mmcif_pdbx.dic 
_audit_conform.dict_version    5.391 
_audit_conform.dict_location   http://mmcif.pdb.org/dictionaries/ascii/mmcif_pdbx.dic 
# 
loop_
_database_2.database_id 
_database_2.database_code 
_database_2.pdbx_database_accession 
_database_2.pdbx_DOI 
PDB   2K0V         pdb_00002k0v 10.2210/pdb2k0v/pdb 
RCSB  RCSB100534   ?            ?                   
WWPDB D_1000100534 ?            ?                   
# 
loop_
_pdbx_audit_revision_history.ordinal 
_pdbx_audit_revision_history.data_content_type 
_pdbx_audit_revision_history.major_revision 
_pdbx_audit_revision_history.minor_revision 
_pdbx_audit_revision_history.revision_date 
1 'Structure model' 1 0 2009-02-03 
2 'Structure model' 1 1 2011-07-13 
3 'Structure model' 1 2 2011-08-31 
4 'Structure model' 1 3 2024-05-01 
# 
_pdbx_audit_revision_details.ordinal             1 
_pdbx_audit_revision_details.revision_ordinal    1 
_pdbx_audit_revision_details.data_content_type   'Structure model' 
_pdbx_audit_revision_details.provider            repository 
_pdbx_audit_revision_details.type                'Initial release' 
_pdbx_audit_revision_details.description         ? 
_pdbx_audit_revision_details.details             ? 
# 
loop_
_pdbx_audit_revision_group.ordinal 
_pdbx_audit_revision_group.revision_ordinal 
_pdbx_audit_revision_group.data_content_type 
_pdbx_audit_revision_group.group 
1 2 'Structure model' 'Version format compliance' 
2 3 'Structure model' 'Database references'       
3 4 'Structure model' 'Data collection'           
4 4 'Structure model' 'Database references'       
# 
loop_
_pdbx_audit_revision_category.ordinal 
_pdbx_audit_revision_category.revision_ordinal 
_pdbx_audit_revision_category.data_content_type 
_pdbx_audit_revision_category.category 
1 4 'Structure model' chem_comp_atom 
2 4 'Structure model' chem_comp_bond 
3 4 'Structure model' database_2     
4 4 'Structure model' struct_ref_seq 
# 
loop_
_pdbx_audit_revision_item.ordinal 
_pdbx_audit_revision_item.revision_ordinal 
_pdbx_audit_revision_item.data_content_type 
_pdbx_audit_revision_item.item 
1 4 'Structure model' '_database_2.pdbx_DOI'                
2 4 'Structure model' '_database_2.pdbx_database_accession' 
3 4 'Structure model' '_struct_ref_seq.db_align_beg'        
4 4 'Structure model' '_struct_ref_seq.db_align_end'        
# 
_pdbx_database_status.deposit_site                    BMRB 
_pdbx_database_status.entry_id                        2K0V 
_pdbx_database_status.process_site                    RCSB 
_pdbx_database_status.recvd_initial_deposition_date   2008-02-15 
_pdbx_database_status.SG_entry                        ? 
_pdbx_database_status.status_code                     REL 
_pdbx_database_status.status_code_mr                  REL 
_pdbx_database_status.status_code_sf                  ? 
_pdbx_database_status.status_code_cs                  ? 
_pdbx_database_status.pdb_format_compatible           Y 
_pdbx_database_status.status_code_nmr_data            ? 
_pdbx_database_status.methods_development_category    ? 
# 
loop_
_pdbx_database_related.db_id 
_pdbx_database_related.db_name 
_pdbx_database_related.details 
_pdbx_database_related.content_type 
2K0T PDB . unspecified 
2K0U PDB . unspecified 
2K0W PDB . unspecified 
# 
loop_
_audit_author.name 
_audit_author.pdbx_ordinal 
'Bhattacharyya, D.' 1 
'King, C.L.'        2 
'Chaney, S.G.'      3 
'Campbell, S.L.'    4 
# 
_citation.id                        primary 
_citation.title                     
'Flanking Bases Influence the Nature of DNA Distortion by Platinum 1,2-Intrastrand (GG) Cross-Links.' 
_citation.journal_abbrev            'Plos One' 
_citation.journal_volume            6 
_citation.page_first                e23582 
_citation.page_last                 e23582 
_citation.year                      2011 
_citation.journal_id_ASTM           ? 
_citation.country                   US 
_citation.journal_id_ISSN           1932-6203 
_citation.journal_id_CSD            ? 
_citation.book_publisher            ? 
_citation.pdbx_database_id_PubMed   21853154 
_citation.pdbx_database_id_DOI      10.1371/journal.pone.0023582 
# 
loop_
_citation_author.citation_id 
_citation_author.name 
_citation_author.ordinal 
_citation_author.identifier_ORCID 
primary 'Bhattacharyya, D.'       1  ? 
primary 'Ramachandran, S.'        2  ? 
primary 'Sharma, S.'              3  ? 
primary 'Pathmasiri, W.'          4  ? 
primary 'King, C.L.'              5  ? 
primary 'Baskerville-Abraham, I.' 6  ? 
primary 'Boysen, G.'              7  ? 
primary 'Swenberg, J.A.'          8  ? 
primary 'Campbell, S.L.'          9  ? 
primary 'Dokholyan, N.V.'         10 ? 
primary 'Chaney, S.G.'            11 ? 
# 
loop_
_entity.id 
_entity.type 
_entity.src_method 
_entity.pdbx_description 
_entity.formula_weight 
_entity.pdbx_number_of_molecules 
_entity.pdbx_ec 
_entity.pdbx_mutation 
_entity.pdbx_fragment 
_entity.details 
1 polymer syn 
;DNA (5'-D(*DCP*DCP*DTP*DCP*DTP*DGP*DGP*DTP*DCP*DTP*DCP*DC)-3')
;
3565.316 1 ? ? ? ? 
2 polymer syn 
;DNA (5'-D(*DGP*DGP*DAP*DGP*DAP*DCP*DCP*DAP*DGP*DAP*DGP*DG)-3')
;
3761.468 1 ? ? ? ? 
# 
loop_
_entity_poly.entity_id 
_entity_poly.type 
_entity_poly.nstd_linkage 
_entity_poly.nstd_monomer 
_entity_poly.pdbx_seq_one_letter_code 
_entity_poly.pdbx_seq_one_letter_code_can 
_entity_poly.pdbx_strand_id 
_entity_poly.pdbx_target_identifier 
1 polydeoxyribonucleotide no no '(DC)(DC)(DT)(DC)(DT)(DG)(DG)(DT)(DC)(DT)(DC)(DC)' CCTCTGGTCTCC A ? 
2 polydeoxyribonucleotide no no '(DG)(DG)(DA)(DG)(DA)(DC)(DC)(DA)(DG)(DA)(DG)(DG)' GGAGACCAGAGG B ? 
# 
loop_
_entity_poly_seq.entity_id 
_entity_poly_seq.num 
_entity_poly_seq.mon_id 
_entity_poly_seq.hetero 
1 1  DC n 
1 2  DC n 
1 3  DT n 
1 4  DC n 
1 5  DT n 
1 6  DG n 
1 7  DG n 
1 8  DT n 
1 9  DC n 
1 10 DT n 
1 11 DC n 
1 12 DC n 
2 1  DG n 
2 2  DG n 
2 3  DA n 
2 4  DG n 
2 5  DA n 
2 6  DC n 
2 7  DC n 
2 8  DA n 
2 9  DG n 
2 10 DA n 
2 11 DG n 
2 12 DG n 
# 
loop_
_chem_comp.id 
_chem_comp.type 
_chem_comp.mon_nstd_flag 
_chem_comp.name 
_chem_comp.pdbx_synonyms 
_chem_comp.formula 
_chem_comp.formula_weight 
DA 'DNA linking' y "2'-DEOXYADENOSINE-5'-MONOPHOSPHATE" ? 'C10 H14 N5 O6 P' 331.222 
DC 'DNA linking' y "2'-DEOXYCYTIDINE-5'-MONOPHOSPHATE"  ? 'C9 H14 N3 O7 P'  307.197 
DG 'DNA linking' y "2'-DEOXYGUANOSINE-5'-MONOPHOSPHATE" ? 'C10 H14 N5 O7 P' 347.221 
DT 'DNA linking' y "THYMIDINE-5'-MONOPHOSPHATE"         ? 'C10 H15 N2 O8 P' 322.208 
# 
loop_
_pdbx_poly_seq_scheme.asym_id 
_pdbx_poly_seq_scheme.entity_id 
_pdbx_poly_seq_scheme.seq_id 
_pdbx_poly_seq_scheme.mon_id 
_pdbx_poly_seq_scheme.ndb_seq_num 
_pdbx_poly_seq_scheme.pdb_seq_num 
_pdbx_poly_seq_scheme.auth_seq_num 
_pdbx_poly_seq_scheme.pdb_mon_id 
_pdbx_poly_seq_scheme.auth_mon_id 
_pdbx_poly_seq_scheme.pdb_strand_id 
_pdbx_poly_seq_scheme.pdb_ins_code 
_pdbx_poly_seq_scheme.hetero 
A 1 1  DC 1  1  1  DC CYT A . n 
A 1 2  DC 2  2  2  DC CYT A . n 
A 1 3  DT 3  3  3  DT THY A . n 
A 1 4  DC 4  4  4  DC CYT A . n 
A 1 5  DT 5  5  5  DT THY A . n 
A 1 6  DG 6  6  6  DG GUA A . n 
A 1 7  DG 7  7  7  DG GUA A . n 
A 1 8  DT 8  8  8  DT THY A . n 
A 1 9  DC 9  9  9  DC CYT A . n 
A 1 10 DT 10 10 10 DT THY A . n 
A 1 11 DC 11 11 11 DC CYT A . n 
A 1 12 DC 12 12 12 DC CYT A . n 
B 2 1  DG 1  13 13 DG GUA B . n 
B 2 2  DG 2  14 14 DG GUA B . n 
B 2 3  DA 3  15 15 DA ADE B . n 
B 2 4  DG 4  16 16 DG GUA B . n 
B 2 5  DA 5  17 17 DA ADE B . n 
B 2 6  DC 6  18 18 DC CYT B . n 
B 2 7  DC 7  19 19 DC CYT B . n 
B 2 8  DA 8  20 20 DA ADE B . n 
B 2 9  DG 9  21 21 DG GUA B . n 
B 2 10 DA 10 22 22 DA ADE B . n 
B 2 11 DG 11 23 23 DG GUA B . n 
B 2 12 DG 12 24 24 DG GUA B . n 
# 
_exptl.absorpt_coefficient_mu     ? 
_exptl.absorpt_correction_T_max   ? 
_exptl.absorpt_correction_T_min   ? 
_exptl.absorpt_correction_type    ? 
_exptl.absorpt_process_details    ? 
_exptl.crystals_number            ? 
_exptl.details                    ? 
_exptl.entry_id                   2K0V 
_exptl.method                     'SOLUTION NMR' 
_exptl.method_details             ? 
# 
_struct.entry_id                  2K0V 
_struct.title                     'High Resolution Solution NMR Structures of Undamaged DNA Dodecamer Duplex' 
_struct.pdbx_model_details        ? 
_struct.pdbx_CASP_flag            ? 
_struct.pdbx_model_type_details   ? 
# 
_struct_keywords.entry_id        2K0V 
_struct_keywords.pdbx_keywords   DNA 
_struct_keywords.text            'Undamaged DNA Duplex, DNA' 
# 
loop_
_struct_asym.id 
_struct_asym.pdbx_blank_PDB_chainid_flag 
_struct_asym.pdbx_modified 
_struct_asym.entity_id 
_struct_asym.details 
A N N 1 ? 
B N N 2 ? 
# 
loop_
_struct_ref.entity_id 
_struct_ref.pdbx_db_accession 
_struct_ref.id 
_struct_ref.db_code 
_struct_ref.db_name 
_struct_ref.pdbx_align_begin 
_struct_ref.pdbx_seq_one_letter_code 
_struct_ref.pdbx_db_isoform 
1 2K0V 1 2K0V PDB 1 CCTCTGGTCTCC ? 
2 2K0V 2 2K0V PDB 1 GGAGACCAGAGG ? 
# 
loop_
_struct_ref_seq.align_id 
_struct_ref_seq.ref_id 
_struct_ref_seq.pdbx_PDB_id_code 
_struct_ref_seq.pdbx_strand_id 
_struct_ref_seq.seq_align_beg 
_struct_ref_seq.pdbx_seq_align_beg_ins_code 
_struct_ref_seq.seq_align_end 
_struct_ref_seq.pdbx_seq_align_end_ins_code 
_struct_ref_seq.pdbx_db_accession 
_struct_ref_seq.db_align_beg 
_struct_ref_seq.pdbx_db_align_beg_ins_code 
_struct_ref_seq.db_align_end 
_struct_ref_seq.pdbx_db_align_end_ins_code 
_struct_ref_seq.pdbx_auth_seq_align_beg 
_struct_ref_seq.pdbx_auth_seq_align_end 
1 1 2K0V A 1 ? 12 ? 2K0V 1  ? 12 ? 1  12 
2 2 2K0V B 1 ? 12 ? 2K0V 13 ? 24 ? 13 24 
# 
_pdbx_struct_assembly.id                   1 
_pdbx_struct_assembly.details              author_defined_assembly 
_pdbx_struct_assembly.method_details       ? 
_pdbx_struct_assembly.oligomeric_details   dimeric 
_pdbx_struct_assembly.oligomeric_count     2 
# 
_pdbx_struct_assembly_gen.assembly_id       1 
_pdbx_struct_assembly_gen.oper_expression   1 
_pdbx_struct_assembly_gen.asym_id_list      A,B 
# 
_pdbx_struct_oper_list.id                   1 
_pdbx_struct_oper_list.type                 'identity operation' 
_pdbx_struct_oper_list.name                 1_555 
_pdbx_struct_oper_list.symmetry_operation   x,y,z 
_pdbx_struct_oper_list.matrix[1][1]         1.0000000000 
_pdbx_struct_oper_list.matrix[1][2]         0.0000000000 
_pdbx_struct_oper_list.matrix[1][3]         0.0000000000 
_pdbx_struct_oper_list.vector[1]            0.0000000000 
_pdbx_struct_oper_list.matrix[2][1]         0.0000000000 
_pdbx_struct_oper_list.matrix[2][2]         1.0000000000 
_pdbx_struct_oper_list.matrix[2][3]         0.0000000000 
_pdbx_struct_oper_list.vector[2]            0.0000000000 
_pdbx_struct_oper_list.matrix[3][1]         0.0000000000 
_pdbx_struct_oper_list.matrix[3][2]         0.0000000000 
_pdbx_struct_oper_list.matrix[3][3]         1.0000000000 
_pdbx_struct_oper_list.vector[3]            0.0000000000 
# 
_struct_biol.id        1 
_struct_biol.details   ? 
# 
loop_
_struct_conn.id 
_struct_conn.conn_type_id 
_struct_conn.pdbx_leaving_atom_flag 
_struct_conn.pdbx_PDB_id 
_struct_conn.ptnr1_label_asym_id 
_struct_conn.ptnr1_label_comp_id 
_struct_conn.ptnr1_label_seq_id 
_struct_conn.ptnr1_label_atom_id 
_struct_conn.pdbx_ptnr1_label_alt_id 
_struct_conn.pdbx_ptnr1_PDB_ins_code 
_struct_conn.pdbx_ptnr1_standard_comp_id 
_struct_conn.ptnr1_symmetry 
_struct_conn.ptnr2_label_asym_id 
_struct_conn.ptnr2_label_comp_id 
_struct_conn.ptnr2_label_seq_id 
_struct_conn.ptnr2_label_atom_id 
_struct_conn.pdbx_ptnr2_label_alt_id 
_struct_conn.pdbx_ptnr2_PDB_ins_code 
_struct_conn.ptnr1_auth_asym_id 
_struct_conn.ptnr1_auth_comp_id 
_struct_conn.ptnr1_auth_seq_id 
_struct_conn.ptnr2_auth_asym_id 
_struct_conn.ptnr2_auth_comp_id 
_struct_conn.ptnr2_auth_seq_id 
_struct_conn.ptnr2_symmetry 
_struct_conn.pdbx_ptnr3_label_atom_id 
_struct_conn.pdbx_ptnr3_label_seq_id 
_struct_conn.pdbx_ptnr3_label_comp_id 
_struct_conn.pdbx_ptnr3_label_asym_id 
_struct_conn.pdbx_ptnr3_label_alt_id 
_struct_conn.pdbx_ptnr3_PDB_ins_code 
_struct_conn.details 
_struct_conn.pdbx_dist_value 
_struct_conn.pdbx_value_order 
_struct_conn.pdbx_role 
hydrog1  hydrog ? ? A DC 1  N3 ? ? ? 1_555 B DG 12 N1 ? ? A DC 1  B DG 24 1_555 ? ? ? ? ? ? WATSON-CRICK ? ? ? 
hydrog2  hydrog ? ? A DC 1  N4 ? ? ? 1_555 B DG 12 O6 ? ? A DC 1  B DG 24 1_555 ? ? ? ? ? ? WATSON-CRICK ? ? ? 
hydrog3  hydrog ? ? A DC 1  O2 ? ? ? 1_555 B DG 12 N2 ? ? A DC 1  B DG 24 1_555 ? ? ? ? ? ? WATSON-CRICK ? ? ? 
hydrog4  hydrog ? ? A DC 2  N3 ? ? ? 1_555 B DG 11 N1 ? ? A DC 2  B DG 23 1_555 ? ? ? ? ? ? WATSON-CRICK ? ? ? 
hydrog5  hydrog ? ? A DC 2  N4 ? ? ? 1_555 B DG 11 O6 ? ? A DC 2  B DG 23 1_555 ? ? ? ? ? ? WATSON-CRICK ? ? ? 
hydrog6  hydrog ? ? A DC 2  O2 ? ? ? 1_555 B DG 11 N2 ? ? A DC 2  B DG 23 1_555 ? ? ? ? ? ? WATSON-CRICK ? ? ? 
hydrog7  hydrog ? ? A DT 3  N3 ? ? ? 1_555 B DA 10 N1 ? ? A DT 3  B DA 22 1_555 ? ? ? ? ? ? WATSON-CRICK ? ? ? 
hydrog8  hydrog ? ? A DT 3  O4 ? ? ? 1_555 B DA 10 N6 ? ? A DT 3  B DA 22 1_555 ? ? ? ? ? ? WATSON-CRICK ? ? ? 
hydrog9  hydrog ? ? A DC 4  N3 ? ? ? 1_555 B DG 9  N1 ? ? A DC 4  B DG 21 1_555 ? ? ? ? ? ? WATSON-CRICK ? ? ? 
hydrog10 hydrog ? ? A DC 4  N4 ? ? ? 1_555 B DG 9  O6 ? ? A DC 4  B DG 21 1_555 ? ? ? ? ? ? WATSON-CRICK ? ? ? 
hydrog11 hydrog ? ? A DC 4  O2 ? ? ? 1_555 B DG 9  N2 ? ? A DC 4  B DG 21 1_555 ? ? ? ? ? ? WATSON-CRICK ? ? ? 
hydrog12 hydrog ? ? A DT 5  N3 ? ? ? 1_555 B DA 8  N1 ? ? A DT 5  B DA 20 1_555 ? ? ? ? ? ? WATSON-CRICK ? ? ? 
hydrog13 hydrog ? ? A DT 5  O4 ? ? ? 1_555 B DA 8  N6 ? ? A DT 5  B DA 20 1_555 ? ? ? ? ? ? WATSON-CRICK ? ? ? 
hydrog14 hydrog ? ? A DG 6  N1 ? ? ? 1_555 B DC 7  N3 ? ? A DG 6  B DC 19 1_555 ? ? ? ? ? ? WATSON-CRICK ? ? ? 
hydrog15 hydrog ? ? A DG 6  N2 ? ? ? 1_555 B DC 7  O2 ? ? A DG 6  B DC 19 1_555 ? ? ? ? ? ? WATSON-CRICK ? ? ? 
hydrog16 hydrog ? ? A DG 6  O6 ? ? ? 1_555 B DC 7  N4 ? ? A DG 6  B DC 19 1_555 ? ? ? ? ? ? WATSON-CRICK ? ? ? 
hydrog17 hydrog ? ? A DG 7  N1 ? ? ? 1_555 B DC 6  N3 ? ? A DG 7  B DC 18 1_555 ? ? ? ? ? ? WATSON-CRICK ? ? ? 
hydrog18 hydrog ? ? A DG 7  N2 ? ? ? 1_555 B DC 6  O2 ? ? A DG 7  B DC 18 1_555 ? ? ? ? ? ? WATSON-CRICK ? ? ? 
hydrog19 hydrog ? ? A DG 7  O6 ? ? ? 1_555 B DC 6  N4 ? ? A DG 7  B DC 18 1_555 ? ? ? ? ? ? WATSON-CRICK ? ? ? 
hydrog20 hydrog ? ? A DT 8  N3 ? ? ? 1_555 B DA 5  N1 ? ? A DT 8  B DA 17 1_555 ? ? ? ? ? ? WATSON-CRICK ? ? ? 
hydrog21 hydrog ? ? A DT 8  O4 ? ? ? 1_555 B DA 5  N6 ? ? A DT 8  B DA 17 1_555 ? ? ? ? ? ? WATSON-CRICK ? ? ? 
hydrog22 hydrog ? ? A DC 9  N3 ? ? ? 1_555 B DG 4  N1 ? ? A DC 9  B DG 16 1_555 ? ? ? ? ? ? WATSON-CRICK ? ? ? 
hydrog23 hydrog ? ? A DC 9  N4 ? ? ? 1_555 B DG 4  O6 ? ? A DC 9  B DG 16 1_555 ? ? ? ? ? ? WATSON-CRICK ? ? ? 
hydrog24 hydrog ? ? A DC 9  O2 ? ? ? 1_555 B DG 4  N2 ? ? A DC 9  B DG 16 1_555 ? ? ? ? ? ? WATSON-CRICK ? ? ? 
hydrog25 hydrog ? ? A DT 10 N3 ? ? ? 1_555 B DA 3  N1 ? ? A DT 10 B DA 15 1_555 ? ? ? ? ? ? WATSON-CRICK ? ? ? 
hydrog26 hydrog ? ? A DT 10 O4 ? ? ? 1_555 B DA 3  N6 ? ? A DT 10 B DA 15 1_555 ? ? ? ? ? ? WATSON-CRICK ? ? ? 
hydrog27 hydrog ? ? A DC 11 N3 ? ? ? 1_555 B DG 2  N1 ? ? A DC 11 B DG 14 1_555 ? ? ? ? ? ? WATSON-CRICK ? ? ? 
hydrog28 hydrog ? ? A DC 11 N4 ? ? ? 1_555 B DG 2  O6 ? ? A DC 11 B DG 14 1_555 ? ? ? ? ? ? WATSON-CRICK ? ? ? 
hydrog29 hydrog ? ? A DC 11 O2 ? ? ? 1_555 B DG 2  N2 ? ? A DC 11 B DG 14 1_555 ? ? ? ? ? ? WATSON-CRICK ? ? ? 
hydrog30 hydrog ? ? A DC 12 N3 ? ? ? 1_555 B DG 1  N1 ? ? A DC 12 B DG 13 1_555 ? ? ? ? ? ? WATSON-CRICK ? ? ? 
hydrog31 hydrog ? ? A DC 12 N4 ? ? ? 1_555 B DG 1  O6 ? ? A DC 12 B DG 13 1_555 ? ? ? ? ? ? WATSON-CRICK ? ? ? 
hydrog32 hydrog ? ? A DC 12 O2 ? ? ? 1_555 B DG 1  N2 ? ? A DC 12 B DG 13 1_555 ? ? ? ? ? ? WATSON-CRICK ? ? ? 
# 
_struct_conn_type.id          hydrog 
_struct_conn_type.criteria    ? 
_struct_conn_type.reference   ? 
# 
loop_
_pdbx_validate_close_contact.id 
_pdbx_validate_close_contact.PDB_model_num 
_pdbx_validate_close_contact.auth_atom_id_1 
_pdbx_validate_close_contact.auth_asym_id_1 
_pdbx_validate_close_contact.auth_comp_id_1 
_pdbx_validate_close_contact.auth_seq_id_1 
_pdbx_validate_close_contact.PDB_ins_code_1 
_pdbx_validate_close_contact.label_alt_id_1 
_pdbx_validate_close_contact.auth_atom_id_2 
_pdbx_validate_close_contact.auth_asym_id_2 
_pdbx_validate_close_contact.auth_comp_id_2 
_pdbx_validate_close_contact.auth_seq_id_2 
_pdbx_validate_close_contact.PDB_ins_code_2 
_pdbx_validate_close_contact.label_alt_id_2 
_pdbx_validate_close_contact.dist 
1 1 O2 A DC 12 ? ? H22 B DG 13 ? ? 1.55 
2 1 O2 A DC 4  ? ? H22 B DG 21 ? ? 1.55 
3 1 O2 A DC 2  ? ? H22 B DG 23 ? ? 1.59 
# 
_pdbx_nmr_ensemble.average_constraint_violations_per_residue     ? 
_pdbx_nmr_ensemble.average_constraints_per_residue               ? 
_pdbx_nmr_ensemble.average_distance_constraint_violation         ? 
_pdbx_nmr_ensemble.average_torsion_angle_constraint_violation    ? 
_pdbx_nmr_ensemble.conformer_selection_criteria                  'structures with the lowest energy' 
_pdbx_nmr_ensemble.conformers_calculated_total_number            20 
_pdbx_nmr_ensemble.conformers_submitted_total_number             1 
_pdbx_nmr_ensemble.distance_constraint_violation_method          ? 
_pdbx_nmr_ensemble.entry_id                                      2K0V 
_pdbx_nmr_ensemble.maximum_distance_constraint_violation         ? 
_pdbx_nmr_ensemble.maximum_lower_distance_constraint_violation   ? 
_pdbx_nmr_ensemble.maximum_torsion_angle_constraint_violation    ? 
_pdbx_nmr_ensemble.maximum_upper_distance_constraint_violation   ? 
_pdbx_nmr_ensemble.torsion_angle_constraint_violation_method     ? 
# 
_pdbx_nmr_ensemble_rms.atom_type                              ? 
_pdbx_nmr_ensemble_rms.bond_angle_rms_dev                     0.461 
_pdbx_nmr_ensemble_rms.bond_angle_rms_dev_error               ? 
_pdbx_nmr_ensemble_rms.chain_range_begin                      ? 
_pdbx_nmr_ensemble_rms.chain_range_end                        ? 
_pdbx_nmr_ensemble_rms.coord_average_rmsd_method              ? 
_pdbx_nmr_ensemble_rms.covalent_bond_rms_dev                  0.0024 
_pdbx_nmr_ensemble_rms.covalent_bond_rms_dev_error            ? 
_pdbx_nmr_ensemble_rms.dihedral_angles_rms_dev                0.000 
_pdbx_nmr_ensemble_rms.dihedral_angles_rms_dev_error          ? 
_pdbx_nmr_ensemble_rms.distance_rms_dev                       ? 
_pdbx_nmr_ensemble_rms.distance_rms_dev_error                 ? 
_pdbx_nmr_ensemble_rms.entry_id                               2K0V 
_pdbx_nmr_ensemble_rms.improper_torsion_angle_rms_dev         0.296 
_pdbx_nmr_ensemble_rms.improper_torsion_angle_rms_dev_error   ? 
_pdbx_nmr_ensemble_rms.peptide_planarity_rms_dev              ? 
_pdbx_nmr_ensemble_rms.peptide_planarity_rms_dev_error        ? 
_pdbx_nmr_ensemble_rms.residue_range_begin                    ? 
_pdbx_nmr_ensemble_rms.residue_range_end                      ? 
# 
_pdbx_nmr_representative.conformer_id         1 
_pdbx_nmr_representative.entry_id             2K0V 
_pdbx_nmr_representative.selection_criteria   'lowest energy' 
# 
_pdbx_nmr_sample_details.contents         '1 mM Undamaged DNA Duplex, 90% H2O, 10% D2O' 
_pdbx_nmr_sample_details.solution_id      1 
_pdbx_nmr_sample_details.solvent_system   '90% H2O/10% D2O' 
# 
_pdbx_nmr_exptl_sample.component             'Undamaged DNA Duplex' 
_pdbx_nmr_exptl_sample.concentration         1 
_pdbx_nmr_exptl_sample.concentration_units   mM 
_pdbx_nmr_exptl_sample.isotopic_labeling     ? 
_pdbx_nmr_exptl_sample.solution_id           1 
# 
_pdbx_nmr_exptl_sample_conditions.conditions_id       1 
_pdbx_nmr_exptl_sample_conditions.ionic_strength      '50 mM NaCl' 
_pdbx_nmr_exptl_sample_conditions.pH                  6.8 
_pdbx_nmr_exptl_sample_conditions.pressure            ambient 
_pdbx_nmr_exptl_sample_conditions.pressure_units      ? 
_pdbx_nmr_exptl_sample_conditions.temperature         298 
_pdbx_nmr_exptl_sample_conditions.temperature_units   K 
# 
loop_
_pdbx_nmr_exptl.conditions_id 
_pdbx_nmr_exptl.experiment_id 
_pdbx_nmr_exptl.solution_id 
_pdbx_nmr_exptl.type 
1 1 1 '2D 1H-1H NOESY' 
1 2 1 '2D DQF-COSY'    
1 3 1 '2D 1H-13C HSQC' 
# 
_pdbx_nmr_refine.entry_id           2K0V 
_pdbx_nmr_refine.method             'simulated annealing' 
_pdbx_nmr_refine.details            'energy based refinement with NOE distance constraints' 
_pdbx_nmr_refine.software_ordinal   1 
# 
_pdbx_nmr_software.authors          'Brunger A. T. et.al.' 
_pdbx_nmr_software.classification   refinement 
_pdbx_nmr_software.name             CNS 
_pdbx_nmr_software.version          ? 
_pdbx_nmr_software.ordinal          1 
# 
loop_
_chem_comp_atom.comp_id 
_chem_comp_atom.atom_id 
_chem_comp_atom.type_symbol 
_chem_comp_atom.pdbx_aromatic_flag 
_chem_comp_atom.pdbx_stereo_config 
_chem_comp_atom.pdbx_ordinal 
DA OP3    O N N 1   
DA P      P N N 2   
DA OP1    O N N 3   
DA OP2    O N N 4   
DA "O5'"  O N N 5   
DA "C5'"  C N N 6   
DA "C4'"  C N R 7   
DA "O4'"  O N N 8   
DA "C3'"  C N S 9   
DA "O3'"  O N N 10  
DA "C2'"  C N N 11  
DA "C1'"  C N R 12  
DA N9     N Y N 13  
DA C8     C Y N 14  
DA N7     N Y N 15  
DA C5     C Y N 16  
DA C6     C Y N 17  
DA N6     N N N 18  
DA N1     N Y N 19  
DA C2     C Y N 20  
DA N3     N Y N 21  
DA C4     C Y N 22  
DA HOP3   H N N 23  
DA HOP2   H N N 24  
DA "H5'"  H N N 25  
DA "H5''" H N N 26  
DA "H4'"  H N N 27  
DA "H3'"  H N N 28  
DA "HO3'" H N N 29  
DA "H2'"  H N N 30  
DA "H2''" H N N 31  
DA "H1'"  H N N 32  
DA H8     H N N 33  
DA H61    H N N 34  
DA H62    H N N 35  
DA H2     H N N 36  
DC OP3    O N N 37  
DC P      P N N 38  
DC OP1    O N N 39  
DC OP2    O N N 40  
DC "O5'"  O N N 41  
DC "C5'"  C N N 42  
DC "C4'"  C N R 43  
DC "O4'"  O N N 44  
DC "C3'"  C N S 45  
DC "O3'"  O N N 46  
DC "C2'"  C N N 47  
DC "C1'"  C N R 48  
DC N1     N N N 49  
DC C2     C N N 50  
DC O2     O N N 51  
DC N3     N N N 52  
DC C4     C N N 53  
DC N4     N N N 54  
DC C5     C N N 55  
DC C6     C N N 56  
DC HOP3   H N N 57  
DC HOP2   H N N 58  
DC "H5'"  H N N 59  
DC "H5''" H N N 60  
DC "H4'"  H N N 61  
DC "H3'"  H N N 62  
DC "HO3'" H N N 63  
DC "H2'"  H N N 64  
DC "H2''" H N N 65  
DC "H1'"  H N N 66  
DC H41    H N N 67  
DC H42    H N N 68  
DC H5     H N N 69  
DC H6     H N N 70  
DG OP3    O N N 71  
DG P      P N N 72  
DG OP1    O N N 73  
DG OP2    O N N 74  
DG "O5'"  O N N 75  
DG "C5'"  C N N 76  
DG "C4'"  C N R 77  
DG "O4'"  O N N 78  
DG "C3'"  C N S 79  
DG "O3'"  O N N 80  
DG "C2'"  C N N 81  
DG "C1'"  C N R 82  
DG N9     N Y N 83  
DG C8     C Y N 84  
DG N7     N Y N 85  
DG C5     C Y N 86  
DG C6     C N N 87  
DG O6     O N N 88  
DG N1     N N N 89  
DG C2     C N N 90  
DG N2     N N N 91  
DG N3     N N N 92  
DG C4     C Y N 93  
DG HOP3   H N N 94  
DG HOP2   H N N 95  
DG "H5'"  H N N 96  
DG "H5''" H N N 97  
DG "H4'"  H N N 98  
DG "H3'"  H N N 99  
DG "HO3'" H N N 100 
DG "H2'"  H N N 101 
DG "H2''" H N N 102 
DG "H1'"  H N N 103 
DG H8     H N N 104 
DG H1     H N N 105 
DG H21    H N N 106 
DG H22    H N N 107 
DT OP3    O N N 108 
DT P      P N N 109 
DT OP1    O N N 110 
DT OP2    O N N 111 
DT "O5'"  O N N 112 
DT "C5'"  C N N 113 
DT "C4'"  C N R 114 
DT "O4'"  O N N 115 
DT "C3'"  C N S 116 
DT "O3'"  O N N 117 
DT "C2'"  C N N 118 
DT "C1'"  C N R 119 
DT N1     N N N 120 
DT C2     C N N 121 
DT O2     O N N 122 
DT N3     N N N 123 
DT C4     C N N 124 
DT O4     O N N 125 
DT C5     C N N 126 
DT C7     C N N 127 
DT C6     C N N 128 
DT HOP3   H N N 129 
DT HOP2   H N N 130 
DT "H5'"  H N N 131 
DT "H5''" H N N 132 
DT "H4'"  H N N 133 
DT "H3'"  H N N 134 
DT "HO3'" H N N 135 
DT "H2'"  H N N 136 
DT "H2''" H N N 137 
DT "H1'"  H N N 138 
DT H3     H N N 139 
DT H71    H N N 140 
DT H72    H N N 141 
DT H73    H N N 142 
DT H6     H N N 143 
# 
loop_
_chem_comp_bond.comp_id 
_chem_comp_bond.atom_id_1 
_chem_comp_bond.atom_id_2 
_chem_comp_bond.value_order 
_chem_comp_bond.pdbx_aromatic_flag 
_chem_comp_bond.pdbx_stereo_config 
_chem_comp_bond.pdbx_ordinal 
DA OP3   P      sing N N 1   
DA OP3   HOP3   sing N N 2   
DA P     OP1    doub N N 3   
DA P     OP2    sing N N 4   
DA P     "O5'"  sing N N 5   
DA OP2   HOP2   sing N N 6   
DA "O5'" "C5'"  sing N N 7   
DA "C5'" "C4'"  sing N N 8   
DA "C5'" "H5'"  sing N N 9   
DA "C5'" "H5''" sing N N 10  
DA "C4'" "O4'"  sing N N 11  
DA "C4'" "C3'"  sing N N 12  
DA "C4'" "H4'"  sing N N 13  
DA "O4'" "C1'"  sing N N 14  
DA "C3'" "O3'"  sing N N 15  
DA "C3'" "C2'"  sing N N 16  
DA "C3'" "H3'"  sing N N 17  
DA "O3'" "HO3'" sing N N 18  
DA "C2'" "C1'"  sing N N 19  
DA "C2'" "H2'"  sing N N 20  
DA "C2'" "H2''" sing N N 21  
DA "C1'" N9     sing N N 22  
DA "C1'" "H1'"  sing N N 23  
DA N9    C8     sing Y N 24  
DA N9    C4     sing Y N 25  
DA C8    N7     doub Y N 26  
DA C8    H8     sing N N 27  
DA N7    C5     sing Y N 28  
DA C5    C6     sing Y N 29  
DA C5    C4     doub Y N 30  
DA C6    N6     sing N N 31  
DA C6    N1     doub Y N 32  
DA N6    H61    sing N N 33  
DA N6    H62    sing N N 34  
DA N1    C2     sing Y N 35  
DA C2    N3     doub Y N 36  
DA C2    H2     sing N N 37  
DA N3    C4     sing Y N 38  
DC OP3   P      sing N N 39  
DC OP3   HOP3   sing N N 40  
DC P     OP1    doub N N 41  
DC P     OP2    sing N N 42  
DC P     "O5'"  sing N N 43  
DC OP2   HOP2   sing N N 44  
DC "O5'" "C5'"  sing N N 45  
DC "C5'" "C4'"  sing N N 46  
DC "C5'" "H5'"  sing N N 47  
DC "C5'" "H5''" sing N N 48  
DC "C4'" "O4'"  sing N N 49  
DC "C4'" "C3'"  sing N N 50  
DC "C4'" "H4'"  sing N N 51  
DC "O4'" "C1'"  sing N N 52  
DC "C3'" "O3'"  sing N N 53  
DC "C3'" "C2'"  sing N N 54  
DC "C3'" "H3'"  sing N N 55  
DC "O3'" "HO3'" sing N N 56  
DC "C2'" "C1'"  sing N N 57  
DC "C2'" "H2'"  sing N N 58  
DC "C2'" "H2''" sing N N 59  
DC "C1'" N1     sing N N 60  
DC "C1'" "H1'"  sing N N 61  
DC N1    C2     sing N N 62  
DC N1    C6     sing N N 63  
DC C2    O2     doub N N 64  
DC C2    N3     sing N N 65  
DC N3    C4     doub N N 66  
DC C4    N4     sing N N 67  
DC C4    C5     sing N N 68  
DC N4    H41    sing N N 69  
DC N4    H42    sing N N 70  
DC C5    C6     doub N N 71  
DC C5    H5     sing N N 72  
DC C6    H6     sing N N 73  
DG OP3   P      sing N N 74  
DG OP3   HOP3   sing N N 75  
DG P     OP1    doub N N 76  
DG P     OP2    sing N N 77  
DG P     "O5'"  sing N N 78  
DG OP2   HOP2   sing N N 79  
DG "O5'" "C5'"  sing N N 80  
DG "C5'" "C4'"  sing N N 81  
DG "C5'" "H5'"  sing N N 82  
DG "C5'" "H5''" sing N N 83  
DG "C4'" "O4'"  sing N N 84  
DG "C4'" "C3'"  sing N N 85  
DG "C4'" "H4'"  sing N N 86  
DG "O4'" "C1'"  sing N N 87  
DG "C3'" "O3'"  sing N N 88  
DG "C3'" "C2'"  sing N N 89  
DG "C3'" "H3'"  sing N N 90  
DG "O3'" "HO3'" sing N N 91  
DG "C2'" "C1'"  sing N N 92  
DG "C2'" "H2'"  sing N N 93  
DG "C2'" "H2''" sing N N 94  
DG "C1'" N9     sing N N 95  
DG "C1'" "H1'"  sing N N 96  
DG N9    C8     sing Y N 97  
DG N9    C4     sing Y N 98  
DG C8    N7     doub Y N 99  
DG C8    H8     sing N N 100 
DG N7    C5     sing Y N 101 
DG C5    C6     sing N N 102 
DG C5    C4     doub Y N 103 
DG C6    O6     doub N N 104 
DG C6    N1     sing N N 105 
DG N1    C2     sing N N 106 
DG N1    H1     sing N N 107 
DG C2    N2     sing N N 108 
DG C2    N3     doub N N 109 
DG N2    H21    sing N N 110 
DG N2    H22    sing N N 111 
DG N3    C4     sing N N 112 
DT OP3   P      sing N N 113 
DT OP3   HOP3   sing N N 114 
DT P     OP1    doub N N 115 
DT P     OP2    sing N N 116 
DT P     "O5'"  sing N N 117 
DT OP2   HOP2   sing N N 118 
DT "O5'" "C5'"  sing N N 119 
DT "C5'" "C4'"  sing N N 120 
DT "C5'" "H5'"  sing N N 121 
DT "C5'" "H5''" sing N N 122 
DT "C4'" "O4'"  sing N N 123 
DT "C4'" "C3'"  sing N N 124 
DT "C4'" "H4'"  sing N N 125 
DT "O4'" "C1'"  sing N N 126 
DT "C3'" "O3'"  sing N N 127 
DT "C3'" "C2'"  sing N N 128 
DT "C3'" "H3'"  sing N N 129 
DT "O3'" "HO3'" sing N N 130 
DT "C2'" "C1'"  sing N N 131 
DT "C2'" "H2'"  sing N N 132 
DT "C2'" "H2''" sing N N 133 
DT "C1'" N1     sing N N 134 
DT "C1'" "H1'"  sing N N 135 
DT N1    C2     sing N N 136 
DT N1    C6     sing N N 137 
DT C2    O2     doub N N 138 
DT C2    N3     sing N N 139 
DT N3    C4     sing N N 140 
DT N3    H3     sing N N 141 
DT C4    O4     doub N N 142 
DT C4    C5     sing N N 143 
DT C5    C7     sing N N 144 
DT C5    C6     doub N N 145 
DT C7    H71    sing N N 146 
DT C7    H72    sing N N 147 
DT C7    H73    sing N N 148 
DT C6    H6     sing N N 149 
# 
loop_
_ndb_struct_conf_na.entry_id 
_ndb_struct_conf_na.feature 
2K0V 'double helix'        
2K0V 'b-form double helix' 
# 
loop_
_ndb_struct_na_base_pair.model_number 
_ndb_struct_na_base_pair.i_label_asym_id 
_ndb_struct_na_base_pair.i_label_comp_id 
_ndb_struct_na_base_pair.i_label_seq_id 
_ndb_struct_na_base_pair.i_symmetry 
_ndb_struct_na_base_pair.j_label_asym_id 
_ndb_struct_na_base_pair.j_label_comp_id 
_ndb_struct_na_base_pair.j_label_seq_id 
_ndb_struct_na_base_pair.j_symmetry 
_ndb_struct_na_base_pair.shear 
_ndb_struct_na_base_pair.stretch 
_ndb_struct_na_base_pair.stagger 
_ndb_struct_na_base_pair.buckle 
_ndb_struct_na_base_pair.propeller 
_ndb_struct_na_base_pair.opening 
_ndb_struct_na_base_pair.pair_number 
_ndb_struct_na_base_pair.pair_name 
_ndb_struct_na_base_pair.i_auth_asym_id 
_ndb_struct_na_base_pair.i_auth_seq_id 
_ndb_struct_na_base_pair.i_PDB_ins_code 
_ndb_struct_na_base_pair.j_auth_asym_id 
_ndb_struct_na_base_pair.j_auth_seq_id 
_ndb_struct_na_base_pair.j_PDB_ins_code 
_ndb_struct_na_base_pair.hbond_type_28 
_ndb_struct_na_base_pair.hbond_type_12 
1 A DC 1  1_555 B DG 12 1_555 0.501  -0.311 0.047  -1.250 -0.311 0.392  1  A_DC1:DG24_B  A 1  ? B 24 ? 19 1 
1 A DC 2  1_555 B DG 11 1_555 0.425  -0.297 0.046  -1.212 -0.403 0.986  2  A_DC2:DG23_B  A 2  ? B 23 ? 19 1 
1 A DT 3  1_555 B DA 10 1_555 -0.024 -0.289 0.050  -2.918 -0.480 -3.441 3  A_DT3:DA22_B  A 3  ? B 22 ? 20 1 
1 A DC 4  1_555 B DG 9  1_555 0.586  -0.272 0.019  0.419  -0.730 3.065  4  A_DC4:DG21_B  A 4  ? B 21 ? 19 1 
1 A DT 5  1_555 B DA 8  1_555 0.020  -0.316 0.087  -1.726 -3.326 -2.740 5  A_DT5:DA20_B  A 5  ? B 20 ? 20 1 
1 A DG 6  1_555 B DC 7  1_555 -0.484 -0.328 -0.001 3.083  -2.133 -0.926 6  A_DG6:DC19_B  A 6  ? B 19 ? 19 1 
1 A DG 7  1_555 B DC 6  1_555 0.391  -0.199 -0.073 -0.106 3.494  -1.713 7  A_DG7:DC18_B  A 7  ? B 18 ? 19 1 
1 A DT 8  1_555 B DA 5  1_555 0.065  -0.319 -0.031 -0.406 -0.750 -3.703 8  A_DT8:DA17_B  A 8  ? B 17 ? 20 1 
1 A DC 9  1_555 B DG 4  1_555 -0.448 -0.172 -0.050 -0.607 -0.979 -1.215 9  A_DC9:DG16_B  A 9  ? B 16 ? 19 1 
1 A DT 10 1_555 B DA 3  1_555 -0.328 -0.099 -0.066 1.044  0.072  -9.524 10 A_DT10:DA15_B A 10 ? B 15 ? 20 1 
1 A DC 11 1_555 B DG 2  1_555 -0.322 -0.246 0.067  2.331  -3.081 0.166  11 A_DC11:DG14_B A 11 ? B 14 ? 19 1 
1 A DC 12 1_555 B DG 1  1_555 0.463  -0.340 0.028  0.394  -0.795 1.256  12 A_DC12:DG13_B A 12 ? B 13 ? 19 1 
# 
loop_
_ndb_struct_na_base_pair_step.model_number 
_ndb_struct_na_base_pair_step.i_label_asym_id_1 
_ndb_struct_na_base_pair_step.i_label_comp_id_1 
_ndb_struct_na_base_pair_step.i_label_seq_id_1 
_ndb_struct_na_base_pair_step.i_symmetry_1 
_ndb_struct_na_base_pair_step.j_label_asym_id_1 
_ndb_struct_na_base_pair_step.j_label_comp_id_1 
_ndb_struct_na_base_pair_step.j_label_seq_id_1 
_ndb_struct_na_base_pair_step.j_symmetry_1 
_ndb_struct_na_base_pair_step.i_label_asym_id_2 
_ndb_struct_na_base_pair_step.i_label_comp_id_2 
_ndb_struct_na_base_pair_step.i_label_seq_id_2 
_ndb_struct_na_base_pair_step.i_symmetry_2 
_ndb_struct_na_base_pair_step.j_label_asym_id_2 
_ndb_struct_na_base_pair_step.j_label_comp_id_2 
_ndb_struct_na_base_pair_step.j_label_seq_id_2 
_ndb_struct_na_base_pair_step.j_symmetry_2 
_ndb_struct_na_base_pair_step.shift 
_ndb_struct_na_base_pair_step.slide 
_ndb_struct_na_base_pair_step.rise 
_ndb_struct_na_base_pair_step.tilt 
_ndb_struct_na_base_pair_step.roll 
_ndb_struct_na_base_pair_step.twist 
_ndb_struct_na_base_pair_step.x_displacement 
_ndb_struct_na_base_pair_step.y_displacement 
_ndb_struct_na_base_pair_step.helical_rise 
_ndb_struct_na_base_pair_step.inclination 
_ndb_struct_na_base_pair_step.tip 
_ndb_struct_na_base_pair_step.helical_twist 
_ndb_struct_na_base_pair_step.step_number 
_ndb_struct_na_base_pair_step.step_name 
_ndb_struct_na_base_pair_step.i_auth_asym_id_1 
_ndb_struct_na_base_pair_step.i_auth_seq_id_1 
_ndb_struct_na_base_pair_step.i_PDB_ins_code_1 
_ndb_struct_na_base_pair_step.j_auth_asym_id_1 
_ndb_struct_na_base_pair_step.j_auth_seq_id_1 
_ndb_struct_na_base_pair_step.j_PDB_ins_code_1 
_ndb_struct_na_base_pair_step.i_auth_asym_id_2 
_ndb_struct_na_base_pair_step.i_auth_seq_id_2 
_ndb_struct_na_base_pair_step.i_PDB_ins_code_2 
_ndb_struct_na_base_pair_step.j_auth_asym_id_2 
_ndb_struct_na_base_pair_step.j_auth_seq_id_2 
_ndb_struct_na_base_pair_step.j_PDB_ins_code_2 
1 A DC 1  1_555 B DG 12 1_555 A DC 2  1_555 B DG 11 1_555 0.077  1.100  3.470 2.147  20.435 25.404 -2.279 0.308  3.405 39.284  
-4.127 32.566 1  AA_DC1DC2:DG23DG24_BB   A 1  ? B 24 ? A 2  ? B 23 ? 
1 A DC 2  1_555 B DG 11 1_555 A DT 3  1_555 B DA 10 1_555 -0.260 0.644  3.554 0.328  14.535 31.680 -1.436 0.492  3.505 25.042  
-0.564 34.779 2  AA_DC2DT3:DA22DG23_BB   A 2  ? B 23 ? A 3  ? B 22 ? 
1 A DT 3  1_555 B DA 10 1_555 A DC 4  1_555 B DG 9  1_555 0.652  0.613  3.121 1.521  6.267  40.972 0.216  -0.763 3.198 8.886   
-2.156 41.455 3  AA_DT3DC4:DG21DA22_BB   A 3  ? B 22 ? A 4  ? B 21 ? 
1 A DC 4  1_555 B DG 9  1_555 A DT 5  1_555 B DA 8  1_555 -0.424 -0.335 3.465 1.386  -0.389 36.528 -0.477 0.878  3.451 -0.620  
-2.210 36.555 4  AA_DC4DT5:DA20DG21_BB   A 4  ? B 21 ? A 5  ? B 20 ? 
1 A DT 5  1_555 B DA 8  1_555 A DG 6  1_555 B DC 7  1_555 -0.655 0.565  2.960 -1.829 6.501  35.511 0.061  0.817  3.042 10.541  
2.965  36.127 5  AA_DT5DG6:DC19DA20_BB   A 5  ? B 20 ? A 6  ? B 19 ? 
1 A DG 6  1_555 B DC 7  1_555 A DG 7  1_555 B DC 6  1_555 0.867  0.044  3.481 0.753  8.049  36.447 -1.070 -1.249 3.430 12.678  
-1.186 37.303 6  AA_DG6DG7:DC18DC19_BB   A 6  ? B 19 ? A 7  ? B 18 ? 
1 A DG 7  1_555 B DC 6  1_555 A DT 8  1_555 B DA 5  1_555 0.409  -1.006 3.184 1.371  -0.188 30.493 -1.875 -0.510 3.205 -0.357  
-2.605 30.523 7  AA_DG7DT8:DA17DC18_BB   A 7  ? B 18 ? A 8  ? B 17 ? 
1 A DT 8  1_555 B DA 5  1_555 A DC 9  1_555 B DG 4  1_555 0.048  -0.645 3.022 0.591  5.687  37.430 -1.660 -0.005 2.897 8.799   
-0.915 37.849 8  AA_DT8DC9:DG16DA17_BB   A 8  ? B 17 ? A 9  ? B 16 ? 
1 A DC 9  1_555 B DG 4  1_555 A DT 10 1_555 B DA 3  1_555 -0.240 -0.870 3.231 -2.309 -8.900 29.888 0.123  -0.005 3.354 -16.764 
4.349  31.239 9  AA_DC9DT10:DA15DG16_BB  A 9  ? B 16 ? A 10 ? B 15 ? 
1 A DT 10 1_555 B DA 3  1_555 A DC 11 1_555 B DG 2  1_555 -0.028 -0.404 3.237 1.193  -6.118 31.726 0.359  0.261  3.253 -11.058 
-2.156 32.317 10 AA_DT10DC11:DG14DA15_BB A 10 ? B 15 ? A 11 ? B 14 ? 
1 A DC 11 1_555 B DG 2  1_555 A DC 12 1_555 B DG 1  1_555 0.530  -0.333 3.250 -0.453 -2.620 45.488 -0.201 -0.724 3.259 -3.385  
0.585  45.562 11 AA_DC11DC12:DG13DG14_BB A 11 ? B 14 ? A 12 ? B 13 ? 
# 
_pdbx_nmr_spectrometer.field_strength    700 
_pdbx_nmr_spectrometer.manufacturer      Varian 
_pdbx_nmr_spectrometer.model             UNITY 
_pdbx_nmr_spectrometer.spectrometer_id   1 
_pdbx_nmr_spectrometer.type              'Varian Unity' 
# 
_atom_sites.entry_id                    2K0V 
_atom_sites.fract_transf_matrix[1][1]   1.000000 
_atom_sites.fract_transf_matrix[1][2]   0.000000 
_atom_sites.fract_transf_matrix[1][3]   0.000000 
_atom_sites.fract_transf_matrix[2][1]   0.000000 
_atom_sites.fract_transf_matrix[2][2]   1.000000 
_atom_sites.fract_transf_matrix[2][3]   0.000000 
_atom_sites.fract_transf_matrix[3][1]   0.000000 
_atom_sites.fract_transf_matrix[3][2]   0.000000 
_atom_sites.fract_transf_matrix[3][3]   1.000000 
_atom_sites.fract_transf_vector[1]      0.00000 
_atom_sites.fract_transf_vector[2]      0.00000 
_atom_sites.fract_transf_vector[3]      0.00000 
# 
loop_
_atom_type.symbol 
C 
H 
N 
O 
P 
# 
loop_
_atom_site.group_PDB 
_atom_site.id 
_atom_site.type_symbol 
_atom_site.label_atom_id 
_atom_site.label_alt_id 
_atom_site.label_comp_id 
_atom_site.label_asym_id 
_atom_site.label_entity_id 
_atom_site.label_seq_id 
_atom_site.pdbx_PDB_ins_code 
_atom_site.Cartn_x 
_atom_site.Cartn_y 
_atom_site.Cartn_z 
_atom_site.occupancy 
_atom_site.B_iso_or_equiv 
_atom_site.pdbx_formal_charge 
_atom_site.auth_seq_id 
_atom_site.auth_comp_id 
_atom_site.auth_asym_id 
_atom_site.auth_atom_id 
_atom_site.pdbx_PDB_model_num 
ATOM 1   O "O5'"  . DC A 1 1  ? -2.428  5.619   -17.129 1.00 1.74 ? 1  DC A "O5'"  1 
ATOM 2   C "C5'"  . DC A 1 1  ? -1.954  5.832   -18.463 1.00 1.71 ? 1  DC A "C5'"  1 
ATOM 3   C "C4'"  . DC A 1 1  ? -0.750  4.969   -18.763 1.00 1.68 ? 1  DC A "C4'"  1 
ATOM 4   O "O4'"  . DC A 1 1  ? 0.452   5.722   -18.487 1.00 1.74 ? 1  DC A "O4'"  1 
ATOM 5   C "C3'"  . DC A 1 1  ? -0.630  3.700   -17.924 1.00 1.60 ? 1  DC A "C3'"  1 
ATOM 6   O "O3'"  . DC A 1 1  ? 0.061   2.682   -18.655 1.00 1.66 ? 1  DC A "O3'"  1 
ATOM 7   C "C2'"  . DC A 1 1  ? 0.185   4.150   -16.724 1.00 1.59 ? 1  DC A "C2'"  1 
ATOM 8   C "C1'"  . DC A 1 1  ? 1.007   5.331   -17.238 1.00 1.62 ? 1  DC A "C1'"  1 
ATOM 9   N N1     . DC A 1 1  ? 0.995   6.511   -16.356 1.00 1.53 ? 1  DC A N1     1 
ATOM 10  C C2     . DC A 1 1  ? 2.189   7.209   -16.146 1.00 1.53 ? 1  DC A C2     1 
ATOM 11  O O2     . DC A 1 1  ? 3.223   6.816   -16.705 1.00 1.62 ? 1  DC A O2     1 
ATOM 12  N N3     . DC A 1 1  ? 2.187   8.294   -15.339 1.00 1.45 ? 1  DC A N3     1 
ATOM 13  C C4     . DC A 1 1  ? 1.054   8.684   -14.750 1.00 1.41 ? 1  DC A C4     1 
ATOM 14  N N4     . DC A 1 1  ? 1.099   9.753   -13.953 1.00 1.38 ? 1  DC A N4     1 
ATOM 15  C C5     . DC A 1 1  ? -0.177  7.994   -14.948 1.00 1.44 ? 1  DC A C5     1 
ATOM 16  C C6     . DC A 1 1  ? -0.160  6.924   -15.752 1.00 1.49 ? 1  DC A C6     1 
ATOM 17  H "H5'"  . DC A 1 1  ? -1.678  6.879   -18.587 1.00 1.80 ? 1  DC A "H5'"  1 
ATOM 18  H "H5''" . DC A 1 1  ? -2.745  5.590   -19.173 1.00 1.79 ? 1  DC A "H5''" 1 
ATOM 19  H "H4'"  . DC A 1 1  ? -0.824  4.648   -19.804 1.00 1.74 ? 1  DC A "H4'"  1 
ATOM 20  H "H3'"  . DC A 1 1  ? -1.613  3.330   -17.633 1.00 1.57 ? 1  DC A "H3'"  1 
ATOM 21  H "H2'"  . DC A 1 1  ? -0.457  4.426   -15.888 1.00 1.57 ? 1  DC A "H2'"  1 
ATOM 22  H "H2''" . DC A 1 1  ? 0.850   3.357   -16.378 1.00 1.65 ? 1  DC A "H2''" 1 
ATOM 23  H "H1'"  . DC A 1 1  ? 2.043   5.039   -17.409 1.00 1.68 ? 1  DC A "H1'"  1 
ATOM 24  H H41    . DC A 1 1  ? 0.263   10.076  -13.488 1.00 1.39 ? 1  DC A H41    1 
ATOM 25  H H42    . DC A 1 1  ? 1.974   10.237  -13.805 1.00 1.36 ? 1  DC A H42    1 
ATOM 26  H H5     . DC A 1 1  ? -1.096  8.325   -14.465 1.00 1.46 ? 1  DC A H5     1 
ATOM 27  H H6     . DC A 1 1  ? -1.086  6.375   -15.929 1.00 1.52 ? 1  DC A H6     1 
ATOM 28  H "HO5'" . DC A 1 1  ? -3.049  4.887   -17.160 1.00 1.98 ? 1  DC A "HO5'" 1 
ATOM 29  P P      . DC A 1 2  ? -0.043  1.148   -18.184 1.00 1.65 ? 2  DC A P      1 
ATOM 30  O OP1    . DC A 1 2  ? 0.308   0.287   -19.342 1.00 1.94 ? 2  DC A OP1    1 
ATOM 31  O OP2    . DC A 1 2  ? -1.352  0.968   -17.506 1.00 1.68 ? 2  DC A OP2    1 
ATOM 32  O "O5'"  . DC A 1 2  ? 1.104   1.004   -17.086 1.00 1.47 ? 2  DC A "O5'"  1 
ATOM 33  C "C5'"  . DC A 1 2  ? 2.472   0.849   -17.469 1.00 1.72 ? 2  DC A "C5'"  1 
ATOM 34  C "C4'"  . DC A 1 2  ? 3.358   0.802   -16.246 1.00 1.58 ? 2  DC A "C4'"  1 
ATOM 35  O "O4'"  . DC A 1 2  ? 3.339   2.102   -15.607 1.00 1.45 ? 2  DC A "O4'"  1 
ATOM 36  C "C3'"  . DC A 1 2  ? 2.937   -0.208  -15.174 1.00 1.48 ? 2  DC A "C3'"  1 
ATOM 37  O "O3'"  . DC A 1 2  ? 4.085   -0.907  -14.682 1.00 1.57 ? 2  DC A "O3'"  1 
ATOM 38  C "C2'"  . DC A 1 2  ? 2.323   0.654   -14.085 1.00 1.29 ? 2  DC A "C2'"  1 
ATOM 39  C "C1'"  . DC A 1 2  ? 3.097   1.950   -14.222 1.00 1.28 ? 2  DC A "C1'"  1 
ATOM 40  N N1     . DC A 1 2  ? 2.407   3.166   -13.751 1.00 1.16 ? 2  DC A N1     1 
ATOM 41  C C2     . DC A 1 2  ? 3.178   4.233   -13.280 1.00 1.15 ? 2  DC A C2     1 
ATOM 42  O O2     . DC A 1 2  ? 4.413   4.123   -13.264 1.00 1.25 ? 2  DC A O2     1 
ATOM 43  N N3     . DC A 1 2  ? 2.561   5.359   -12.853 1.00 1.07 ? 2  DC A N3     1 
ATOM 44  C C4     . DC A 1 2  ? 1.230   5.439   -12.879 1.00 1.02 ? 2  DC A C4     1 
ATOM 45  N N4     . DC A 1 2  ? 0.663   6.566   -12.446 1.00 1.00 ? 2  DC A N4     1 
ATOM 46  C C5     . DC A 1 2  ? 0.418   4.366   -13.350 1.00 1.04 ? 2  DC A C5     1 
ATOM 47  C C6     . DC A 1 2  ? 1.043   3.260   -13.774 1.00 1.09 ? 2  DC A C6     1 
ATOM 48  H "H5'"  . DC A 1 2  ? 2.774   1.688   -18.095 1.00 1.87 ? 2  DC A "H5'"  1 
ATOM 49  H "H5''" . DC A 1 2  ? 2.593   -0.078  -18.033 1.00 1.95 ? 2  DC A "H5''" 1 
ATOM 50  H "H4'"  . DC A 1 2  ? 4.354   0.503   -16.577 1.00 1.72 ? 2  DC A "H4'"  1 
ATOM 51  H "H3'"  . DC A 1 2  ? 2.223   -0.928  -15.572 1.00 1.51 ? 2  DC A "H3'"  1 
ATOM 52  H "H2'"  . DC A 1 2  ? 1.253   0.792   -14.245 1.00 1.24 ? 2  DC A "H2'"  1 
ATOM 53  H "H2''" . DC A 1 2  ? 2.453   0.204   -13.100 1.00 1.25 ? 2  DC A "H2''" 1 
ATOM 54  H "H1'"  . DC A 1 2  ? 4.063   1.881   -13.717 1.00 1.30 ? 2  DC A "H1'"  1 
ATOM 55  H H41    . DC A 1 2  ? -0.343  6.661   -12.452 1.00 1.02 ? 2  DC A H41    1 
ATOM 56  H H42    . DC A 1 2  ? 1.239   7.325   -12.112 1.00 0.99 ? 2  DC A H42    1 
ATOM 57  H H5     . DC A 1 2  ? -0.669  4.443   -13.364 1.00 1.03 ? 2  DC A H5     1 
ATOM 58  H H6     . DC A 1 2  ? 0.450   2.426   -14.147 1.00 1.11 ? 2  DC A H6     1 
ATOM 59  P P      . DT A 1 3  ? 3.897   -2.223  -13.775 1.00 1.61 ? 3  DT A P      1 
ATOM 60  O OP1    . DT A 1 3  ? 4.305   -3.389  -14.598 1.00 1.85 ? 3  DT A OP1    1 
ATOM 61  O OP2    . DT A 1 3  ? 2.542   -2.193  -13.167 1.00 1.47 ? 3  DT A OP2    1 
ATOM 62  O "O5'"  . DT A 1 3  ? 4.967   -2.038  -12.609 1.00 1.59 ? 3  DT A "O5'"  1 
ATOM 63  C "C5'"  . DT A 1 3  ? 6.195   -1.344  -12.844 1.00 1.64 ? 3  DT A "C5'"  1 
ATOM 64  C "C4'"  . DT A 1 3  ? 6.789   -0.871  -11.537 1.00 1.51 ? 3  DT A "C4'"  1 
ATOM 65  O "O4'"  . DT A 1 3  ? 6.227   0.427   -11.216 1.00 1.31 ? 3  DT A "O4'"  1 
ATOM 66  C "C3'"  . DT A 1 3  ? 6.499   -1.764  -10.329 1.00 1.50 ? 3  DT A "C3'"  1 
ATOM 67  O "O3'"  . DT A 1 3  ? 7.629   -1.792  -9.450  1.00 1.53 ? 3  DT A "O3'"  1 
ATOM 68  C "C2'"  . DT A 1 3  ? 5.317   -1.080  -9.667  1.00 1.32 ? 3  DT A "C2'"  1 
ATOM 69  C "C1'"  . DT A 1 3  ? 5.595   0.385   -9.948  1.00 1.19 ? 3  DT A "C1'"  1 
ATOM 70  N N1     . DT A 1 3  ? 4.394   1.242   -10.012 1.00 1.04 ? 3  DT A N1     1 
ATOM 71  C C2     . DT A 1 3  ? 4.483   2.525   -9.519  1.00 0.93 ? 3  DT A C2     1 
ATOM 72  O O2     . DT A 1 3  ? 5.503   2.984   -9.035  1.00 0.95 ? 3  DT A O2     1 
ATOM 73  N N3     . DT A 1 3  ? 3.328   3.254   -9.615  1.00 0.83 ? 3  DT A N3     1 
ATOM 74  C C4     . DT A 1 3  ? 2.123   2.841   -10.134 1.00 0.84 ? 3  DT A C4     1 
ATOM 75  O O4     . DT A 1 3  ? 1.169   3.612   -10.153 1.00 0.79 ? 3  DT A O4     1 
ATOM 76  C C5     . DT A 1 3  ? 2.097   1.485   -10.628 1.00 0.95 ? 3  DT A C5     1 
ATOM 77  C C7     . DT A 1 3  ? 0.811   0.939   -11.162 1.00 0.99 ? 3  DT A C7     1 
ATOM 78  C C6     . DT A 1 3  ? 3.222   0.760   -10.552 1.00 1.04 ? 3  DT A C6     1 
ATOM 79  H "H5'"  . DT A 1 3  ? 6.009   -0.480  -13.482 1.00 1.59 ? 3  DT A "H5'"  1 
ATOM 80  H "H5''" . DT A 1 3  ? 6.904   -2.007  -13.338 1.00 1.88 ? 3  DT A "H5''" 1 
ATOM 81  H "H4'"  . DT A 1 3  ? 7.873   -0.850  -11.657 1.00 1.59 ? 3  DT A "H4'"  1 
ATOM 82  H "H3'"  . DT A 1 3  ? 6.258   -2.779  -10.639 1.00 1.63 ? 3  DT A "H3'"  1 
ATOM 83  H "H2'"  . DT A 1 3  ? 4.376   -1.415  -10.101 1.00 1.33 ? 3  DT A "H2'"  1 
ATOM 84  H "H2''" . DT A 1 3  ? 5.278   -1.294  -8.602  1.00 1.31 ? 3  DT A "H2''" 1 
ATOM 85  H "H1'"  . DT A 1 3  ? 6.285   0.802   -9.212  1.00 1.16 ? 3  DT A "H1'"  1 
ATOM 86  H H3     . DT A 1 3  ? 3.347   4.196   -9.256  1.00 0.77 ? 3  DT A H3     1 
ATOM 87  H H71    . DT A 1 3  ? 0.009   1.142   -10.452 1.00 1.32 ? 3  DT A H71    1 
ATOM 88  H H72    . DT A 1 3  ? 0.582   1.414   -12.114 1.00 1.17 ? 3  DT A H72    1 
ATOM 89  H H73    . DT A 1 3  ? 0.904   -0.138  -11.306 1.00 1.73 ? 3  DT A H73    1 
ATOM 90  H H6     . DT A 1 3  ? 3.211   -0.258  -10.942 1.00 1.15 ? 3  DT A H6     1 
ATOM 91  P P      . DC A 1 4  ? 7.587   -2.692  -8.117  1.00 1.61 ? 4  DC A P      1 
ATOM 92  O OP1    . DC A 1 4  ? 8.810   -3.532  -8.113  1.00 1.85 ? 4  DC A OP1    1 
ATOM 93  O OP2    . DC A 1 4  ? 6.253   -3.337  -8.016  1.00 1.61 ? 4  DC A OP2    1 
ATOM 94  O "O5'"  . DC A 1 4  ? 7.713   -1.630  -6.935  1.00 1.45 ? 4  DC A "O5'"  1 
ATOM 95  C "C5'"  . DC A 1 4  ? 8.876   -0.810  -6.803  1.00 1.40 ? 4  DC A "C5'"  1 
ATOM 96  C "C4'"  . DC A 1 4  ? 8.614   0.325   -5.840  1.00 1.26 ? 4  DC A "C4'"  1 
ATOM 97  O "O4'"  . DC A 1 4  ? 7.460   1.070   -6.302  1.00 1.15 ? 4  DC A "O4'"  1 
ATOM 98  C "C3'"  . DC A 1 4  ? 8.300   -0.100  -4.404  1.00 1.31 ? 4  DC A "C3'"  1 
ATOM 99  O "O3'"  . DC A 1 4  ? 8.961   0.774   -3.480  1.00 1.29 ? 4  DC A "O3'"  1 
ATOM 100 C "C2'"  . DC A 1 4  ? 6.792   0.038   -4.307  1.00 1.22 ? 4  DC A "C2'"  1 
ATOM 101 C "C1'"  . DC A 1 4  ? 6.493   1.165   -5.271  1.00 1.08 ? 4  DC A "C1'"  1 
ATOM 102 N N1     . DC A 1 4  ? 5.163   1.087   -5.889  1.00 1.00 ? 4  DC A N1     1 
ATOM 103 C C2     . DC A 1 4  ? 4.338   2.211   -5.860  1.00 0.89 ? 4  DC A C2     1 
ATOM 104 O O2     . DC A 1 4  ? 4.750   3.242   -5.312  1.00 0.87 ? 4  DC A O2     1 
ATOM 105 N N3     . DC A 1 4  ? 3.113   2.147   -6.426  1.00 0.84 ? 4  DC A N3     1 
ATOM 106 C C4     . DC A 1 4  ? 2.705   1.016   -7.005  1.00 0.88 ? 4  DC A C4     1 
ATOM 107 N N4     . DC A 1 4  ? 1.490   1.000   -7.552  1.00 0.84 ? 4  DC A N4     1 
ATOM 108 C C5     . DC A 1 4  ? 3.528   -0.148  -7.049  1.00 0.99 ? 4  DC A C5     1 
ATOM 109 C C6     . DC A 1 4  ? 4.738   -0.067  -6.483  1.00 1.05 ? 4  DC A C6     1 
ATOM 110 H "H5'"  . DC A 1 4  ? 9.145   -0.397  -7.776  1.00 1.41 ? 4  DC A "H5'"  1 
ATOM 111 H "H5''" . DC A 1 4  ? 9.706   -1.410  -6.430  1.00 1.50 ? 4  DC A "H5''" 1 
ATOM 112 H "H4'"  . DC A 1 4  ? 9.521   0.929   -5.794  1.00 1.25 ? 4  DC A "H4'"  1 
ATOM 113 H "H3'"  . DC A 1 4  ? 8.622   -1.124  -4.221  1.00 1.43 ? 4  DC A "H3'"  1 
ATOM 114 H "H2'"  . DC A 1 4  ? 6.289   -0.888  -4.583  1.00 1.27 ? 4  DC A "H2'"  1 
ATOM 115 H "H2''" . DC A 1 4  ? 6.478   0.294   -3.296  1.00 1.22 ? 4  DC A "H2''" 1 
ATOM 116 H "H1'"  . DC A 1 4  ? 6.601   2.137   -4.789  1.00 1.04 ? 4  DC A "H1'"  1 
ATOM 117 H H41    . DC A 1 4  ? 1.148   0.161   -7.998  1.00 0.87 ? 4  DC A H41    1 
ATOM 118 H H42    . DC A 1 4  ? 0.914   1.829   -7.520  1.00 0.79 ? 4  DC A H42    1 
ATOM 119 H H5     . DC A 1 4  ? 3.184   -1.066  -7.525  1.00 1.03 ? 4  DC A H5     1 
ATOM 120 H H6     . DC A 1 4  ? 5.394   -0.939  -6.493  1.00 1.14 ? 4  DC A H6     1 
ATOM 121 P P      . DT A 1 5  ? 8.643   0.671   -1.904  1.00 1.38 ? 5  DT A P      1 
ATOM 122 O OP1    . DT A 1 5  ? 9.930   0.782   -1.173  1.00 1.49 ? 5  DT A OP1    1 
ATOM 123 O OP2    . DT A 1 5  ? 7.772   -0.510  -1.678  1.00 1.49 ? 5  DT A OP2    1 
ATOM 124 O "O5'"  . DT A 1 5  ? 7.789   1.982   -1.601  1.00 1.27 ? 5  DT A "O5'"  1 
ATOM 125 C "C5'"  . DT A 1 5  ? 8.312   3.281   -1.894  1.00 1.16 ? 5  DT A "C5'"  1 
ATOM 126 C "C4'"  . DT A 1 5  ? 7.468   4.347   -1.233  1.00 1.11 ? 5  DT A "C4'"  1 
ATOM 127 O "O4'"  . DT A 1 5  ? 6.163   4.367   -1.859  1.00 1.11 ? 5  DT A "O4'"  1 
ATOM 128 C "C3'"  . DT A 1 5  ? 7.204   4.139   0.257   1.00 1.20 ? 5  DT A "C3'"  1 
ATOM 129 O "O3'"  . DT A 1 5  ? 7.079   5.406   0.913   1.00 1.19 ? 5  DT A "O3'"  1 
ATOM 130 C "C2'"  . DT A 1 5  ? 5.884   3.391   0.265   1.00 1.21 ? 5  DT A "C2'"  1 
ATOM 131 C "C1'"  . DT A 1 5  ? 5.161   4.015   -0.916  1.00 1.13 ? 5  DT A "C1'"  1 
ATOM 132 N N1     . DT A 1 5  ? 4.195   3.131   -1.598  1.00 1.10 ? 5  DT A N1     1 
ATOM 133 C C2     . DT A 1 5  ? 2.982   3.664   -1.965  1.00 1.02 ? 5  DT A C2     1 
ATOM 134 O O2     . DT A 1 5  ? 2.667   4.820   -1.744  1.00 0.99 ? 5  DT A O2     1 
ATOM 135 N N3     . DT A 1 5  ? 2.146   2.789   -2.605  1.00 1.00 ? 5  DT A N3     1 
ATOM 136 C C4     . DT A 1 5  ? 2.388   1.472   -2.904  1.00 1.05 ? 5  DT A C4     1 
ATOM 137 O O4     . DT A 1 5  ? 1.527   0.807   -3.473  1.00 1.02 ? 5  DT A O4     1 
ATOM 138 C C5     . DT A 1 5  ? 3.673   0.974   -2.489  1.00 1.14 ? 5  DT A C5     1 
ATOM 139 C C7     . DT A 1 5  ? 3.997   -0.461  -2.741  1.00 1.23 ? 5  DT A C7     1 
ATOM 140 C C6     . DT A 1 5  ? 4.511   1.816   -1.864  1.00 1.16 ? 5  DT A C6     1 
ATOM 141 H "H5'"  . DT A 1 5  ? 8.308   3.442   -2.972  1.00 1.14 ? 5  DT A "H5'"  1 
ATOM 142 H "H5''" . DT A 1 5  ? 9.335   3.356   -1.525  1.00 1.16 ? 5  DT A "H5''" 1 
ATOM 143 H "H4'"  . DT A 1 5  ? 8.003   5.294   -1.327  1.00 1.04 ? 5  DT A "H4'"  1 
ATOM 144 H "H3'"  . DT A 1 5  ? 8.004   3.566   0.725   1.00 1.26 ? 5  DT A "H3'"  1 
ATOM 145 H "H2'"  . DT A 1 5  ? 6.036   2.320   0.139   1.00 1.23 ? 5  DT A "H2'"  1 
ATOM 146 H "H2''" . DT A 1 5  ? 5.351   3.537   1.204   1.00 1.24 ? 5  DT A "H2''" 1 
ATOM 147 H "H1'"  . DT A 1 5  ? 4.644   4.929   -0.618  1.00 1.12 ? 5  DT A "H1'"  1 
ATOM 148 H H3     . DT A 1 5  ? 1.245   3.127   -2.892  1.00 0.96 ? 5  DT A H3     1 
ATOM 149 H H71    . DT A 1 5  ? 3.134   -1.075  -2.480  1.00 1.59 ? 5  DT A H71    1 
ATOM 150 H H72    . DT A 1 5  ? 4.851   -0.756  -2.133  1.00 1.48 ? 5  DT A H72    1 
ATOM 151 H H73    . DT A 1 5  ? 4.233   -0.599  -3.794  1.00 1.77 ? 5  DT A H73    1 
ATOM 152 H H6     . DT A 1 5  ? 5.486   1.442   -1.553  1.00 1.24 ? 5  DT A H6     1 
ATOM 153 P P      . DG A 1 6  ? 7.089   5.483   2.520   1.00 1.23 ? 6  DG A P      1 
ATOM 154 O OP1    . DG A 1 6  ? 8.292   6.245   2.938   1.00 1.29 ? 6  DG A OP1    1 
ATOM 155 O OP2    . DG A 1 6  ? 6.871   4.112   3.048   1.00 1.28 ? 6  DG A OP2    1 
ATOM 156 O "O5'"  . DG A 1 6  ? 5.801   6.354   2.870   1.00 1.19 ? 6  DG A "O5'"  1 
ATOM 157 C "C5'"  . DG A 1 6  ? 5.440   7.485   2.073   1.00 1.15 ? 6  DG A "C5'"  1 
ATOM 158 C "C4'"  . DG A 1 6  ? 4.180   8.126   2.609   1.00 1.15 ? 6  DG A "C4'"  1 
ATOM 159 O "O4'"  . DG A 1 6  ? 3.041   7.578   1.906   1.00 1.21 ? 6  DG A "O4'"  1 
ATOM 160 C "C3'"  . DG A 1 6  ? 3.901   7.890   4.091   1.00 1.14 ? 6  DG A "C3'"  1 
ATOM 161 O "O3'"  . DG A 1 6  ? 3.198   9.007   4.648   1.00 1.15 ? 6  DG A "O3'"  1 
ATOM 162 C "C2'"  . DG A 1 6  ? 3.029   6.646   4.087   1.00 1.13 ? 6  DG A "C2'"  1 
ATOM 163 C "C1'"  . DG A 1 6  ? 2.288   6.724   2.757   1.00 1.13 ? 6  DG A "C1'"  1 
ATOM 164 N N9     . DG A 1 6  ? 2.141   5.439   2.080   1.00 1.07 ? 6  DG A N9     1 
ATOM 165 C C8     . DG A 1 6  ? 3.068   4.430   2.033   1.00 1.09 ? 6  DG A C8     1 
ATOM 166 N N7     . DG A 1 6  ? 2.665   3.390   1.356   1.00 1.04 ? 6  DG A N7     1 
ATOM 167 C C5     . DG A 1 6  ? 1.390   3.735   0.929   1.00 0.97 ? 6  DG A C5     1 
ATOM 168 C C6     . DG A 1 6  ? 0.452   3.004   0.156   1.00 0.91 ? 6  DG A C6     1 
ATOM 169 O O6     . DG A 1 6  ? 0.567   1.871   -0.321  1.00 0.89 ? 6  DG A O6     1 
ATOM 170 N N1     . DG A 1 6  ? -0.718  3.725   -0.045  1.00 0.87 ? 6  DG A N1     1 
ATOM 171 C C2     . DG A 1 6  ? -0.958  4.988   0.433   1.00 0.91 ? 6  DG A C2     1 
ATOM 172 N N2     . DG A 1 6  ? -2.148  5.518   0.124   1.00 0.88 ? 6  DG A N2     1 
ATOM 173 N N3     . DG A 1 6  ? -0.094  5.682   1.158   1.00 0.97 ? 6  DG A N3     1 
ATOM 174 C C4     . DG A 1 6  ? 1.051   4.998   1.367   1.00 1.00 ? 6  DG A C4     1 
ATOM 175 H "H5'"  . DG A 1 6  ? 5.268   7.167   1.045   1.00 1.18 ? 6  DG A "H5'"  1 
ATOM 176 H "H5''" . DG A 1 6  ? 6.247   8.217   2.090   1.00 1.16 ? 6  DG A "H5''" 1 
ATOM 177 H "H4'"  . DG A 1 6  ? 4.282   9.205   2.480   1.00 1.14 ? 6  DG A "H4'"  1 
ATOM 178 H "H3'"  . DG A 1 6  ? 4.826   7.735   4.644   1.00 1.14 ? 6  DG A "H3'"  1 
ATOM 179 H "H2'"  . DG A 1 6  ? 3.628   5.741   4.173   1.00 1.13 ? 6  DG A "H2'"  1 
ATOM 180 H "H2''" . DG A 1 6  ? 2.324   6.654   4.919   1.00 1.15 ? 6  DG A "H2''" 1 
ATOM 181 H "H1'"  . DG A 1 6  ? 1.299   7.163   2.886   1.00 1.15 ? 6  DG A "H1'"  1 
ATOM 182 H H8     . DG A 1 6  ? 4.034   4.491   2.510   1.00 1.16 ? 6  DG A H8     1 
ATOM 183 H H1     . DG A 1 6  ? -1.448  3.281   -0.587  1.00 0.84 ? 6  DG A H1     1 
ATOM 184 H H21    . DG A 1 6  ? -2.381  6.445   0.445   1.00 0.91 ? 6  DG A H21    1 
ATOM 185 H H22    . DG A 1 6  ? -2.815  4.988   -0.423  1.00 0.85 ? 6  DG A H22    1 
ATOM 186 P P      . DG A 1 7  ? 2.863   9.038   6.221   1.00 1.15 ? 7  DG A P      1 
ATOM 187 O OP1    . DG A 1 7  ? 2.695   10.455  6.631   1.00 1.29 ? 7  DG A OP1    1 
ATOM 188 O OP2    . DG A 1 7  ? 3.863   8.188   6.917   1.00 1.16 ? 7  DG A OP2    1 
ATOM 189 O "O5'"  . DG A 1 7  ? 1.445   8.318   6.325   1.00 1.04 ? 7  DG A "O5'"  1 
ATOM 190 C "C5'"  . DG A 1 7  ? 0.333   8.768   5.548   1.00 1.04 ? 7  DG A "C5'"  1 
ATOM 191 C "C4'"  . DG A 1 7  ? -0.833  7.822   5.710   1.00 0.96 ? 7  DG A "C4'"  1 
ATOM 192 O "O4'"  . DG A 1 7  ? -0.645  6.710   4.811   1.00 0.94 ? 7  DG A "O4'"  1 
ATOM 193 C "C3'"  . DG A 1 7  ? -0.985  7.223   7.113   1.00 0.83 ? 7  DG A "C3'"  1 
ATOM 194 O "O3'"  . DG A 1 7  ? -2.160  7.761   7.739   1.00 0.85 ? 7  DG A "O3'"  1 
ATOM 195 C "C2'"  . DG A 1 7  ? -1.113  5.723   6.887   1.00 0.77 ? 7  DG A "C2'"  1 
ATOM 196 C "C1'"  . DG A 1 7  ? -1.192  5.545   5.384   1.00 0.85 ? 7  DG A "C1'"  1 
ATOM 197 N N9     . DG A 1 7  ? -0.439  4.407   4.877   1.00 0.82 ? 7  DG A N9     1 
ATOM 198 C C8     . DG A 1 7  ? 0.887   4.148   5.088   1.00 0.83 ? 7  DG A C8     1 
ATOM 199 N N7     . DG A 1 7  ? 1.296   3.047   4.516   1.00 0.83 ? 7  DG A N7     1 
ATOM 200 C C5     . DG A 1 7  ? 0.161   2.552   3.886   1.00 0.82 ? 7  DG A C5     1 
ATOM 201 C C6     . DG A 1 7  ? -0.022  1.383   3.104   1.00 0.84 ? 7  DG A C6     1 
ATOM 202 O O6     . DG A 1 7  ? 0.810   0.522   2.802   1.00 0.86 ? 7  DG A O6     1 
ATOM 203 N N1     . DG A 1 7  ? -1.336  1.266   2.659   1.00 0.84 ? 7  DG A N1     1 
ATOM 204 C C2     . DG A 1 7  ? -2.342  2.158   2.930   1.00 0.83 ? 7  DG A C2     1 
ATOM 205 N N2     . DG A 1 7  ? -3.543  1.871   2.415   1.00 0.84 ? 7  DG A N2     1 
ATOM 206 N N3     . DG A 1 7  ? -2.184  3.251   3.654   1.00 0.82 ? 7  DG A N3     1 
ATOM 207 C C4     . DG A 1 7  ? -0.917  3.383   4.098   1.00 0.82 ? 7  DG A C4     1 
ATOM 208 H "H5'"  . DG A 1 7  ? 0.614   8.809   4.495   1.00 1.10 ? 7  DG A "H5'"  1 
ATOM 209 H "H5''" . DG A 1 7  ? 0.034   9.764   5.876   1.00 1.10 ? 7  DG A "H5''" 1 
ATOM 210 H "H4'"  . DG A 1 7  ? -1.746  8.387   5.512   1.00 1.04 ? 7  DG A "H4'"  1 
ATOM 211 H "H3'"  . DG A 1 7  ? -0.117  7.459   7.727   1.00 0.81 ? 7  DG A "H3'"  1 
ATOM 212 H "H2'"  . DG A 1 7  ? -0.272  5.187   7.321   1.00 0.72 ? 7  DG A "H2'"  1 
ATOM 213 H "H2''" . DG A 1 7  ? -2.023  5.327   7.336   1.00 0.74 ? 7  DG A "H2''" 1 
ATOM 214 H "H1'"  . DG A 1 7  ? -2.222  5.451   5.054   1.00 0.88 ? 7  DG A "H1'"  1 
ATOM 215 H H8     . DG A 1 7  ? 1.526   4.790   5.676   1.00 0.84 ? 7  DG A H8     1 
ATOM 216 H H1     . DG A 1 7  ? -1.576  0.465   2.091   1.00 0.85 ? 7  DG A H1     1 
ATOM 217 H H21    . DG A 1 7  ? -4.317  2.496   2.588   1.00 0.85 ? 7  DG A H21    1 
ATOM 218 H H22    . DG A 1 7  ? -3.681  1.041   1.855   1.00 0.86 ? 7  DG A H22    1 
ATOM 219 P P      . DT A 1 8  ? -2.860  6.973   8.955   1.00 0.79 ? 8  DT A P      1 
ATOM 220 O OP1    . DT A 1 8  ? -3.829  7.893   9.604   1.00 0.90 ? 8  DT A OP1    1 
ATOM 221 O OP2    . DT A 1 8  ? -1.789  6.346   9.770   1.00 0.69 ? 8  DT A OP2    1 
ATOM 222 O "O5'"  . DT A 1 8  ? -3.684  5.812   8.237   1.00 0.79 ? 8  DT A "O5'"  1 
ATOM 223 C "C5'"  . DT A 1 8  ? -4.501  6.087   7.096   1.00 0.87 ? 8  DT A "C5'"  1 
ATOM 224 C "C4'"  . DT A 1 8  ? -5.243  4.843   6.667   1.00 0.83 ? 8  DT A "C4'"  1 
ATOM 225 O "O4'"  . DT A 1 8  ? -4.315  3.948   6.012   1.00 0.77 ? 8  DT A "O4'"  1 
ATOM 226 C "C3'"  . DT A 1 8  ? -5.884  4.045   7.809   1.00 0.78 ? 8  DT A "C3'"  1 
ATOM 227 O "O3'"  . DT A 1 8  ? -7.296  3.933   7.582   1.00 0.90 ? 8  DT A "O3'"  1 
ATOM 228 C "C2'"  . DT A 1 8  ? -5.205  2.683   7.756   1.00 0.63 ? 8  DT A "C2'"  1 
ATOM 229 C "C1'"  . DT A 1 8  ? -4.617  2.616   6.366   1.00 0.67 ? 8  DT A "C1'"  1 
ATOM 230 N N1     . DT A 1 8  ? -3.374  1.830   6.282   1.00 0.58 ? 8  DT A N1     1 
ATOM 231 C C2     . DT A 1 8  ? -3.370  0.671   5.540   1.00 0.59 ? 8  DT A C2     1 
ATOM 232 O O2     . DT A 1 8  ? -4.347  0.257   4.943   1.00 0.65 ? 8  DT A O2     1 
ATOM 233 N N3     . DT A 1 8  ? -2.171  0.009   5.525   1.00 0.58 ? 8  DT A N3     1 
ATOM 234 C C4     . DT A 1 8  ? -1.006  0.384   6.158   1.00 0.57 ? 8  DT A C4     1 
ATOM 235 O O4     . DT A 1 8  ? 0.000   -0.310  6.048   1.00 0.63 ? 8  DT A O4     1 
ATOM 236 C C5     . DT A 1 8  ? -1.082  1.611   6.917   1.00 0.55 ? 8  DT A C5     1 
ATOM 237 C C7     . DT A 1 8  ? 0.139   2.100   7.629   1.00 0.58 ? 8  DT A C7     1 
ATOM 238 C C6     . DT A 1 8  ? -2.248  2.268   6.945   1.00 0.55 ? 8  DT A C6     1 
ATOM 239 H "H5'"  . DT A 1 8  ? -3.875  6.431   6.272   1.00 0.92 ? 8  DT A "H5'"  1 
ATOM 240 H "H5''" . DT A 1 8  ? -5.223  6.866   7.343   1.00 0.95 ? 8  DT A "H5''" 1 
ATOM 241 H "H4'"  . DT A 1 8  ? -6.061  5.161   6.017   1.00 0.93 ? 8  DT A "H4'"  1 
ATOM 242 H "H3'"  . DT A 1 8  ? -5.718  4.538   8.766   1.00 0.78 ? 8  DT A "H3'"  1 
ATOM 243 H "H2'"  . DT A 1 8  ? -4.445  2.584   8.530   1.00 0.56 ? 8  DT A "H2'"  1 
ATOM 244 H "H2''" . DT A 1 8  ? -5.921  1.874   7.894   1.00 0.63 ? 8  DT A "H2''" 1 
ATOM 245 H "H1'"  . DT A 1 8  ? -5.335  2.220   5.647   1.00 0.73 ? 8  DT A "H1'"  1 
ATOM 246 H H3     . DT A 1 8  ? -2.142  -0.852  4.997   1.00 0.62 ? 8  DT A H3     1 
ATOM 247 H H71    . DT A 1 8  ? 0.674   2.802   6.990   1.00 0.82 ? 8  DT A H71    1 
ATOM 248 H H72    . DT A 1 8  ? 0.787   1.256   7.864   1.00 1.06 ? 8  DT A H72    1 
ATOM 249 H H73    . DT A 1 8  ? -0.155  2.601   8.552   1.00 1.17 ? 8  DT A H73    1 
ATOM 250 H H6     . DT A 1 8  ? -2.312  3.189   7.522   1.00 0.57 ? 8  DT A H6     1 
ATOM 251 P P      . DC A 1 9  ? -8.147  2.806   8.354   1.00 0.93 ? 9  DC A P      1 
ATOM 252 O OP1    . DC A 1 9  ? -9.585  3.102   8.133   1.00 1.13 ? 9  DC A OP1    1 
ATOM 253 O OP2    . DC A 1 9  ? -7.627  2.692   9.742   1.00 0.91 ? 9  DC A OP2    1 
ATOM 254 O "O5'"  . DC A 1 9  ? -7.789  1.463   7.575   1.00 0.83 ? 9  DC A "O5'"  1 
ATOM 255 C "C5'"  . DC A 1 9  ? -8.104  1.309   6.189   1.00 0.92 ? 9  DC A "C5'"  1 
ATOM 256 C "C4'"  . DC A 1 9  ? -8.777  -0.023  5.951   1.00 0.96 ? 9  DC A "C4'"  1 
ATOM 257 O "O4'"  . DC A 1 9  ? -7.774  -1.016  5.637   1.00 0.82 ? 9  DC A "O4'"  1 
ATOM 258 C "C3'"  . DC A 1 9  ? -9.548  -0.584  7.142   1.00 1.00 ? 9  DC A "C3'"  1 
ATOM 259 O "O3'"  . DC A 1 9  ? -10.675 -1.333  6.668   1.00 1.14 ? 9  DC A "O3'"  1 
ATOM 260 C "C2'"  . DC A 1 9  ? -8.526  -1.464  7.841   1.00 0.83 ? 9  DC A "C2'"  1 
ATOM 261 C "C1'"  . DC A 1 9  ? -7.572  -1.896  6.734   1.00 0.70 ? 9  DC A "C1'"  1 
ATOM 262 N N1     . DC A 1 9  ? -6.145  -1.831  7.096   1.00 0.52 ? 9  DC A N1     1 
ATOM 263 C C2     . DC A 1 9  ? -5.294  -2.856  6.675   1.00 0.44 ? 9  DC A C2     1 
ATOM 264 O O2     . DC A 1 9  ? -5.761  -3.792  6.012   1.00 0.53 ? 9  DC A O2     1 
ATOM 265 N N3     . DC A 1 9  ? -3.983  -2.802  6.999   1.00 0.33 ? 9  DC A N3     1 
ATOM 266 C C4     . DC A 1 9  ? -3.513  -1.781  7.709   1.00 0.28 ? 9  DC A C4     1 
ATOM 267 N N4     . DC A 1 9  ? -2.212  -1.782  7.996   1.00 0.28 ? 9  DC A N4     1 
ATOM 268 C C5     . DC A 1 9  ? -4.354  -0.718  8.153   1.00 0.34 ? 9  DC A C5     1 
ATOM 269 C C6     . DC A 1 9  ? -5.654  -0.785  7.828   1.00 0.47 ? 9  DC A C6     1 
ATOM 270 H "H5'"  . DC A 1 9  ? -7.192  1.359   5.595   1.00 0.86 ? 9  DC A "H5'"  1 
ATOM 271 H "H5''" . DC A 1 9  ? -8.777  2.108   5.874   1.00 1.06 ? 9  DC A "H5''" 1 
ATOM 272 H "H4'"  . DC A 1 9  ? -9.504  0.117   5.149   1.00 1.10 ? 9  DC A "H4'"  1 
ATOM 273 H "H3'"  . DC A 1 9  ? -9.899  0.218   7.789   1.00 1.07 ? 9  DC A "H3'"  1 
ATOM 274 H "H2'"  . DC A 1 9  ? -8.017  -0.925  8.639   1.00 0.78 ? 9  DC A "H2'"  1 
ATOM 275 H "H2''" . DC A 1 9  ? -8.994  -2.343  8.286   1.00 0.89 ? 9  DC A "H2''" 1 
ATOM 276 H "H1'"  . DC A 1 9  ? -7.799  -2.911  6.402   1.00 0.71 ? 9  DC A "H1'"  1 
ATOM 277 H H41    . DC A 1 9  ? -1.800  -1.040  8.527   1.00 0.31 ? 9  DC A H41    1 
ATOM 278 H H42    . DC A 1 9  ? -1.624  -2.537  7.677   1.00 0.34 ? 9  DC A H42    1 
ATOM 279 H H5     . DC A 1 9  ? -3.958  0.114   8.734   1.00 0.35 ? 9  DC A H5     1 
ATOM 280 H H6     . DC A 1 9  ? -6.328  0.007   8.154   1.00 0.57 ? 9  DC A H6     1 
ATOM 281 P P      . DT A 1 10 ? -11.508 -2.262  7.681   1.00 1.22 ? 10 DT A P      1 
ATOM 282 O OP1    . DT A 1 10 ? -12.935 -2.223  7.272   1.00 1.46 ? 10 DT A OP1    1 
ATOM 283 O OP2    . DT A 1 10 ? -11.134 -1.887  9.069   1.00 1.25 ? 10 DT A OP2    1 
ATOM 284 O "O5'"  . DT A 1 10 ? -10.948 -3.726  7.394   1.00 1.15 ? 10 DT A "O5'"  1 
ATOM 285 C "C5'"  . DT A 1 10 ? -10.382 -4.062  6.125   1.00 0.98 ? 10 DT A "C5'"  1 
ATOM 286 C "C4'"  . DT A 1 10 ? -9.605  -5.355  6.224   1.00 0.84 ? 10 DT A "C4'"  1 
ATOM 287 O "O4'"  . DT A 1 10 ? -8.227  -5.051  6.528   1.00 0.77 ? 10 DT A "O4'"  1 
ATOM 288 C "C3'"  . DT A 1 10 ? -10.085 -6.302  7.329   1.00 0.87 ? 10 DT A "C3'"  1 
ATOM 289 O "O3'"  . DT A 1 10 ? -10.689 -7.466  6.747   1.00 0.98 ? 10 DT A "O3'"  1 
ATOM 290 C "C2'"  . DT A 1 10 ? -8.823  -6.668  8.100   1.00 0.74 ? 10 DT A "C2'"  1 
ATOM 291 C "C1'"  . DT A 1 10 ? -7.685  -6.126  7.263   1.00 0.66 ? 10 DT A "C1'"  1 
ATOM 292 N N1     . DT A 1 10 ? -6.556  -5.618  8.057   1.00 0.54 ? 10 DT A N1     1 
ATOM 293 C C2     . DT A 1 10 ? -5.348  -6.274  7.986   1.00 0.46 ? 10 DT A C2     1 
ATOM 294 O O2     . DT A 1 10 ? -5.161  -7.258  7.291   1.00 0.50 ? 10 DT A O2     1 
ATOM 295 N N3     . DT A 1 10 ? -4.361  -5.733  8.761   1.00 0.41 ? 10 DT A N3     1 
ATOM 296 C C4     . DT A 1 10 ? -4.453  -4.628  9.578   1.00 0.41 ? 10 DT A C4     1 
ATOM 297 O O4     . DT A 1 10 ? -3.473  -4.254  10.209  1.00 0.41 ? 10 DT A O4     1 
ATOM 298 C C5     . DT A 1 10 ? -5.745  -3.988  9.604   1.00 0.48 ? 10 DT A C5     1 
ATOM 299 C C7     . DT A 1 10 ? -5.921  -2.758  10.435  1.00 0.55 ? 10 DT A C7     1 
ATOM 300 C C6     . DT A 1 10 ? -6.726  -4.509  8.856   1.00 0.55 ? 10 DT A C6     1 
ATOM 301 H "H5'"  . DT A 1 10 ? -9.710  -3.268  5.799   1.00 0.96 ? 10 DT A "H5'"  1 
ATOM 302 H "H5''" . DT A 1 10 ? -11.177 -4.181  5.388   1.00 1.08 ? 10 DT A "H5''" 1 
ATOM 303 H "H4'"  . DT A 1 10 ? -9.732  -5.888  5.280   1.00 0.86 ? 10 DT A "H4'"  1 
ATOM 304 H "H3'"  . DT A 1 10 ? -10.814 -5.806  7.967   1.00 0.99 ? 10 DT A "H3'"  1 
ATOM 305 H "H2'"  . DT A 1 10 ? -8.833  -6.242  9.104   1.00 0.79 ? 10 DT A "H2'"  1 
ATOM 306 H "H2''" . DT A 1 10 ? -8.715  -7.745  8.199   1.00 0.85 ? 10 DT A "H2''" 1 
ATOM 307 H "H1'"  . DT A 1 10 ? -7.316  -6.874  6.560   1.00 0.78 ? 10 DT A "H1'"  1 
ATOM 308 H H3     . DT A 1 10 ? -3.464  -6.188  8.726   1.00 0.41 ? 10 DT A H3     1 
ATOM 309 H H71    . DT A 1 10 ? -4.946  -2.412  10.778  1.00 1.29 ? 10 DT A H71    1 
ATOM 310 H H72    . DT A 1 10 ? -6.550  -2.985  11.295  1.00 1.18 ? 10 DT A H72    1 
ATOM 311 H H73    . DT A 1 10 ? -6.393  -1.979  9.836   1.00 1.02 ? 10 DT A H73    1 
ATOM 312 H H6     . DT A 1 10 ? -7.709  -4.037  8.883   1.00 0.66 ? 10 DT A H6     1 
ATOM 313 P P      . DC A 1 11 ? -10.869 -8.804  7.625   1.00 0.99 ? 11 DC A P      1 
ATOM 314 O OP1    . DC A 1 11 ? -11.990 -9.589  7.049   1.00 1.14 ? 11 DC A OP1    1 
ATOM 315 O OP2    . DC A 1 11 ? -10.910 -8.409  9.057   1.00 1.04 ? 11 DC A OP2    1 
ATOM 316 O "O5'"  . DC A 1 11 ? -9.517  -9.610  7.375   1.00 0.95 ? 11 DC A "O5'"  1 
ATOM 317 C "C5'"  . DC A 1 11 ? -9.083  -9.923  6.050   1.00 0.99 ? 11 DC A "C5'"  1 
ATOM 318 C "C4'"  . DC A 1 11 ? -7.905  -10.869 6.092   1.00 1.02 ? 11 DC A "C4'"  1 
ATOM 319 O "O4'"  . DC A 1 11 ? -6.799  -10.213 6.760   1.00 0.98 ? 11 DC A "O4'"  1 
ATOM 320 C "C3'"  . DC A 1 11 ? -8.140  -12.170 6.862   1.00 1.08 ? 11 DC A "C3'"  1 
ATOM 321 O "O3'"  . DC A 1 11 ? -7.412  -13.242 6.243   1.00 1.23 ? 11 DC A "O3'"  1 
ATOM 322 C "C2'"  . DC A 1 11 ? -7.592  -11.851 8.241   1.00 1.03 ? 11 DC A "C2'"  1 
ATOM 323 C "C1'"  . DC A 1 11 ? -6.414  -10.960 7.905   1.00 0.96 ? 11 DC A "C1'"  1 
ATOM 324 N N1     . DC A 1 11 ? -6.049  -10.008 8.964   1.00 0.88 ? 11 DC A N1     1 
ATOM 325 C C2     . DC A 1 11 ? -4.732  -9.980  9.418   1.00 0.86 ? 11 DC A C2     1 
ATOM 326 O O2     . DC A 1 11 ? -3.905  -10.753 8.913   1.00 0.93 ? 11 DC A O2     1 
ATOM 327 N N3     . DC A 1 11 ? -4.388  -9.115  10.394  1.00 0.83 ? 11 DC A N3     1 
ATOM 328 C C4     . DC A 1 11 ? -5.299  -8.298  10.911  1.00 0.82 ? 11 DC A C4     1 
ATOM 329 N N4     . DC A 1 11 ? -4.901  -7.481  11.880  1.00 0.85 ? 11 DC A N4     1 
ATOM 330 C C5     . DC A 1 11 ? -6.652  -8.293  10.463  1.00 0.85 ? 11 DC A C5     1 
ATOM 331 C C6     . DC A 1 11 ? -6.981  -9.164  9.499   1.00 0.87 ? 11 DC A C6     1 
ATOM 332 H "H5'"  . DC A 1 11 ? -8.786  -9.008  5.537   1.00 0.99 ? 11 DC A "H5'"  1 
ATOM 333 H "H5''" . DC A 1 11 ? -9.898  -10.393 5.499   1.00 1.08 ? 11 DC A "H5''" 1 
ATOM 334 H "H4'"  . DC A 1 11 ? -7.675  -11.153 5.063   1.00 1.12 ? 11 DC A "H4'"  1 
ATOM 335 H "H3'"  . DC A 1 11 ? -9.198  -12.422 6.894   1.00 1.10 ? 11 DC A "H3'"  1 
ATOM 336 H "H2'"  . DC A 1 11 ? -8.334  -11.342 8.854   1.00 1.01 ? 11 DC A "H2'"  1 
ATOM 337 H "H2''" . DC A 1 11 ? -7.294  -12.754 8.770   1.00 1.11 ? 11 DC A "H2''" 1 
ATOM 338 H "H1'"  . DC A 1 11 ? -5.534  -11.549 7.645   1.00 1.04 ? 11 DC A "H1'"  1 
ATOM 339 H H41    . DC A 1 11 ? -5.543  -6.848  12.313  1.00 0.89 ? 11 DC A H41    1 
ATOM 340 H H42    . DC A 1 11 ? -3.942  -7.500  12.187  1.00 0.86 ? 11 DC A H42    1 
ATOM 341 H H5     . DC A 1 11 ? -7.389  -7.610  10.886  1.00 0.90 ? 11 DC A H5     1 
ATOM 342 H H6     . DC A 1 11 ? -8.010  -9.206  9.143   1.00 0.91 ? 11 DC A H6     1 
ATOM 343 P P      . DC A 1 12 ? -7.173  -14.620 7.041   1.00 1.49 ? 12 DC A P      1 
ATOM 344 O OP1    . DC A 1 12 ? -7.030  -15.708 6.043   1.00 1.57 ? 12 DC A OP1    1 
ATOM 345 O OP2    . DC A 1 12 ? -8.215  -14.727 8.095   1.00 1.58 ? 12 DC A OP2    1 
ATOM 346 O "O5'"  . DC A 1 12 ? -5.763  -14.413 7.755   1.00 1.71 ? 12 DC A "O5'"  1 
ATOM 347 C "C5'"  . DC A 1 12 ? -4.552  -14.372 6.994   1.00 1.79 ? 12 DC A "C5'"  1 
ATOM 348 C "C4'"  . DC A 1 12 ? -3.368  -14.706 7.872   1.00 2.02 ? 12 DC A "C4'"  1 
ATOM 349 O "O4'"  . DC A 1 12 ? -3.204  -13.659 8.857   1.00 1.83 ? 12 DC A "O4'"  1 
ATOM 350 C "C3'"  . DC A 1 12 ? -3.493  -16.002 8.673   1.00 2.32 ? 12 DC A "C3'"  1 
ATOM 351 O "O3'"  . DC A 1 12 ? -2.211  -16.611 8.860   1.00 2.65 ? 12 DC A "O3'"  1 
ATOM 352 C "C2'"  . DC A 1 12 ? -4.059  -15.531 9.997   1.00 2.19 ? 12 DC A "C2'"  1 
ATOM 353 C "C1'"  . DC A 1 12 ? -3.371  -14.190 10.164  1.00 1.93 ? 12 DC A "C1'"  1 
ATOM 354 N N1     . DC A 1 12 ? -4.120  -13.201 10.957  1.00 1.70 ? 12 DC A N1     1 
ATOM 355 C C2     . DC A 1 12 ? -3.444  -12.469 11.938  1.00 1.61 ? 12 DC A C2     1 
ATOM 356 O O2     . DC A 1 12 ? -2.235  -12.676 12.119  1.00 1.71 ? 12 DC A O2     1 
ATOM 357 N N3     . DC A 1 12 ? -4.126  -11.554 12.664  1.00 1.49 ? 12 DC A N3     1 
ATOM 358 C C4     . DC A 1 12 ? -5.427  -11.359 12.439  1.00 1.47 ? 12 DC A C4     1 
ATOM 359 N N4     . DC A 1 12 ? -6.058  -10.445 13.176  1.00 1.48 ? 12 DC A N4     1 
ATOM 360 C C5     . DC A 1 12 ? -6.140  -12.092 11.448  1.00 1.52 ? 12 DC A C5     1 
ATOM 361 C C6     . DC A 1 12 ? -5.453  -12.996 10.738  1.00 1.63 ? 12 DC A C6     1 
ATOM 362 H "H5'"  . DC A 1 12 ? -4.416  -13.373 6.579   1.00 1.67 ? 12 DC A "H5'"  1 
ATOM 363 H "H5''" . DC A 1 12 ? -4.606  -15.092 6.179   1.00 1.87 ? 12 DC A "H5''" 1 
ATOM 364 H "H4'"  . DC A 1 12 ? -2.499  -14.823 7.222   1.00 2.21 ? 12 DC A "H4'"  1 
ATOM 365 H "H3'"  . DC A 1 12 ? -4.155  -16.706 8.178   1.00 2.40 ? 12 DC A "H3'"  1 
ATOM 366 H "HO3'" . DC A 1 12 ? -1.599  -15.915 9.109   1.00 2.54 ? 12 DC A "HO3'" 1 
ATOM 367 H "H2'"  . DC A 1 12 ? -5.145  -15.436 9.953   1.00 2.10 ? 12 DC A "H2'"  1 
ATOM 368 H "H2''" . DC A 1 12 ? -3.824  -16.228 10.800  1.00 2.44 ? 12 DC A "H2''" 1 
ATOM 369 H "H1'"  . DC A 1 12 ? -2.383  -14.316 10.602  1.00 2.05 ? 12 DC A "H1'"  1 
ATOM 370 H H41    . DC A 1 12 ? -7.042  -10.269 13.035  1.00 1.52 ? 12 DC A H41    1 
ATOM 371 H H42    . DC A 1 12 ? -5.549  -9.929  13.880  1.00 1.49 ? 12 DC A H42    1 
ATOM 372 H H5     . DC A 1 12 ? -7.202  -11.925 11.274  1.00 1.53 ? 12 DC A H5     1 
ATOM 373 H H6     . DC A 1 12 ? -5.968  -13.575 9.973   1.00 1.72 ? 12 DC A H6     1 
ATOM 374 O "O5'"  . DG B 2 1  ? 0.615   -5.541  19.533  1.00 2.32 ? 13 DG B "O5'"  1 
ATOM 375 C "C5'"  . DG B 2 1  ? 1.431   -6.365  20.370  1.00 2.17 ? 13 DG B "C5'"  1 
ATOM 376 C "C4'"  . DG B 2 1  ? 2.018   -7.517  19.589  1.00 2.08 ? 13 DG B "C4'"  1 
ATOM 377 O "O4'"  . DG B 2 1  ? 0.938   -8.350  19.101  1.00 1.99 ? 13 DG B "O4'"  1 
ATOM 378 C "C3'"  . DG B 2 1  ? 2.821   -7.115  18.350  1.00 1.92 ? 13 DG B "C3'"  1 
ATOM 379 O "O3'"  . DG B 2 1  ? 3.896   -8.037  18.137  1.00 1.95 ? 13 DG B "O3'"  1 
ATOM 380 C "C2'"  . DG B 2 1  ? 1.795   -7.208  17.236  1.00 1.74 ? 13 DG B "C2'"  1 
ATOM 381 C "C1'"  . DG B 2 1  ? 0.949   -8.386  17.683  1.00 1.81 ? 13 DG B "C1'"  1 
ATOM 382 N N9     . DG B 2 1  ? -0.435  -8.352  17.222  1.00 1.75 ? 13 DG B N9     1 
ATOM 383 C C8     . DG B 2 1  ? -1.448  -7.555  17.692  1.00 1.83 ? 13 DG B C8     1 
ATOM 384 N N7     . DG B 2 1  ? -2.586  -7.754  17.086  1.00 1.79 ? 13 DG B N7     1 
ATOM 385 C C5     . DG B 2 1  ? -2.307  -8.746  16.154  1.00 1.65 ? 13 DG B C5     1 
ATOM 386 C C6     . DG B 2 1  ? -3.148  -9.378  15.203  1.00 1.59 ? 13 DG B C6     1 
ATOM 387 O O6     . DG B 2 1  ? -4.349  -9.180  14.983  1.00 1.61 ? 13 DG B O6     1 
ATOM 388 N N1     . DG B 2 1  ? -2.457  -10.330 14.461  1.00 1.56 ? 13 DG B N1     1 
ATOM 389 C C2     . DG B 2 1  ? -1.127  -10.632 14.610  1.00 1.63 ? 13 DG B C2     1 
ATOM 390 N N2     . DG B 2 1  ? -0.642  -11.578 13.799  1.00 1.72 ? 13 DG B N2     1 
ATOM 391 N N3     . DG B 2 1  ? -0.330  -10.050 15.490  1.00 1.66 ? 13 DG B N3     1 
ATOM 392 C C4     . DG B 2 1  ? -0.983  -9.125  16.225  1.00 1.66 ? 13 DG B C4     1 
ATOM 393 H "H5'"  . DG B 2 1  ? 0.830   -6.760  21.189  1.00 2.29 ? 13 DG B "H5'"  1 
ATOM 394 H "H5''" . DG B 2 1  ? 2.245   -5.769  20.785  1.00 2.12 ? 13 DG B "H5''" 1 
ATOM 395 H "H4'"  . DG B 2 1  ? 2.707   -8.048  20.250  1.00 2.21 ? 13 DG B "H4'"  1 
ATOM 396 H "H3'"  . DG B 2 1  ? 3.223   -6.108  18.452  1.00 1.94 ? 13 DG B "H3'"  1 
ATOM 397 H "H2'"  . DG B 2 1  ? 1.213   -6.290  17.153  1.00 1.70 ? 13 DG B "H2'"  1 
ATOM 398 H "H2''" . DG B 2 1  ? 2.270   -7.385  16.274  1.00 1.63 ? 13 DG B "H2''" 1 
ATOM 399 H "H1'"  . DG B 2 1  ? 1.399   -9.331  17.373  1.00 1.82 ? 13 DG B "H1'"  1 
ATOM 400 H H8     . DG B 2 1  ? -1.317  -6.834  18.486  1.00 1.96 ? 13 DG B H8     1 
ATOM 401 H H1     . DG B 2 1  ? -2.979  -10.837 13.760  1.00 1.56 ? 13 DG B H1     1 
ATOM 402 H H21    . DG B 2 1  ? 0.332   -11.838 13.865  1.00 1.83 ? 13 DG B H21    1 
ATOM 403 H H22    . DG B 2 1  ? -1.244  -12.029 13.121  1.00 1.73 ? 13 DG B H22    1 
ATOM 404 H "HO5'" . DG B 2 1  ? 0.420   -6.049  18.742  1.00 2.75 ? 13 DG B "HO5'" 1 
ATOM 405 P P      . DG B 2 2  ? 4.835   -7.887  16.840  1.00 1.83 ? 14 DG B P      1 
ATOM 406 O OP1    . DG B 2 2  ? 6.084   -8.654  17.080  1.00 1.99 ? 14 DG B OP1    1 
ATOM 407 O OP2    . DG B 2 2  ? 4.917   -6.442  16.507  1.00 1.79 ? 14 DG B OP2    1 
ATOM 408 O "O5'"  . DG B 2 2  ? 4.016   -8.618  15.684  1.00 1.63 ? 14 DG B "O5'"  1 
ATOM 409 C "C5'"  . DG B 2 2  ? 3.770   -10.026 15.732  1.00 1.69 ? 14 DG B "C5'"  1 
ATOM 410 C "C4'"  . DG B 2 2  ? 4.151   -10.671 14.419  1.00 1.62 ? 14 DG B "C4'"  1 
ATOM 411 O "O4'"  . DG B 2 2  ? 2.976   -10.778 13.585  1.00 1.45 ? 14 DG B "O4'"  1 
ATOM 412 C "C3'"  . DG B 2 2  ? 5.167   -9.903  13.580  1.00 1.60 ? 14 DG B "C3'"  1 
ATOM 413 O "O3'"  . DG B 2 2  ? 5.930   -10.818 12.781  1.00 1.68 ? 14 DG B "O3'"  1 
ATOM 414 C "C2'"  . DG B 2 2  ? 4.297   -9.002  12.718  1.00 1.39 ? 14 DG B "C2'"  1 
ATOM 415 C "C1'"  . DG B 2 2  ? 2.961   -9.734  12.621  1.00 1.31 ? 14 DG B "C1'"  1 
ATOM 416 N N9     . DG B 2 2  ? 1.796   -8.898  12.894  1.00 1.19 ? 14 DG B N9     1 
ATOM 417 C C8     . DG B 2 2  ? 1.713   -7.872  13.799  1.00 1.21 ? 14 DG B C8     1 
ATOM 418 N N7     . DG B 2 2  ? 0.535   -7.315  13.842  1.00 1.12 ? 14 DG B N7     1 
ATOM 419 C C5     . DG B 2 2  ? -0.208  -8.015  12.901  1.00 1.02 ? 14 DG B C5     1 
ATOM 420 C C6     . DG B 2 2  ? -1.560  -7.865  12.499  1.00 0.92 ? 14 DG B C6     1 
ATOM 421 O O6     . DG B 2 2  ? -2.399  -7.056  12.910  1.00 0.91 ? 14 DG B O6     1 
ATOM 422 N N1     . DG B 2 2  ? -1.907  -8.783  11.514  1.00 0.87 ? 14 DG B N1     1 
ATOM 423 C C2     . DG B 2 2  ? -1.058  -9.724  10.983  1.00 0.93 ? 14 DG B C2     1 
ATOM 424 N N2     . DG B 2 2  ? -1.568  -10.524 10.045  1.00 0.93 ? 14 DG B N2     1 
ATOM 425 N N3     . DG B 2 2  ? 0.204   -9.872  11.344  1.00 1.04 ? 14 DG B N3     1 
ATOM 426 C C4     . DG B 2 2  ? 0.559   -8.992  12.302  1.00 1.06 ? 14 DG B C4     1 
ATOM 427 H "H5'"  . DG B 2 2  ? 2.712   -10.205 15.923  1.00 1.64 ? 14 DG B "H5'"  1 
ATOM 428 H "H5''" . DG B 2 2  ? 4.358   -10.474 16.533  1.00 1.86 ? 14 DG B "H5''" 1 
ATOM 429 H "H4'"  . DG B 2 2  ? 4.602   -11.638 14.647  1.00 1.75 ? 14 DG B "H4'"  1 
ATOM 430 H "H3'"  . DG B 2 2  ? 5.845   -9.330  14.212  1.00 1.68 ? 14 DG B "H3'"  1 
ATOM 431 H "H2'"  . DG B 2 2  ? 4.194   -8.011  13.159  1.00 1.37 ? 14 DG B "H2'"  1 
ATOM 432 H "H2''" . DG B 2 2  ? 4.721   -8.875  11.721  1.00 1.38 ? 14 DG B "H2''" 1 
ATOM 433 H "H1'"  . DG B 2 2  ? 2.836   -10.187 11.638  1.00 1.27 ? 14 DG B "H1'"  1 
ATOM 434 H H8     . DG B 2 2  ? 2.543   -7.555  14.410  1.00 1.32 ? 14 DG B H8     1 
ATOM 435 H H1     . DG B 2 2  ? -2.857  -8.748  11.162  1.00 0.83 ? 14 DG B H1     1 
ATOM 436 H H21    . DG B 2 2  ? -0.985  -11.226 9.628   1.00 1.00 ? 14 DG B H21    1 
ATOM 437 H H22    . DG B 2 2  ? -2.531  -10.432 9.750   1.00 0.88 ? 14 DG B H22    1 
ATOM 438 P P      . DA B 2 3  ? 6.938   -10.257 11.660  1.00 1.69 ? 15 DA B P      1 
ATOM 439 O OP1    . DA B 2 3  ? 8.128   -11.146 11.659  1.00 1.88 ? 15 DA B OP1    1 
ATOM 440 O OP2    . DA B 2 3  ? 7.116   -8.795  11.854  1.00 1.63 ? 15 DA B OP2    1 
ATOM 441 O "O5'"  . DA B 2 3  ? 6.149   -10.488 10.294  1.00 1.57 ? 15 DA B "O5'"  1 
ATOM 442 C "C5'"  . DA B 2 3  ? 5.203   -11.551 10.165  1.00 1.54 ? 15 DA B "C5'"  1 
ATOM 443 C "C4'"  . DA B 2 3  ? 4.218   -11.245 9.061   1.00 1.38 ? 15 DA B "C4'"  1 
ATOM 444 O "O4'"  . DA B 2 3  ? 3.163   -10.416 9.591   1.00 1.23 ? 15 DA B "O4'"  1 
ATOM 445 C "C3'"  . DA B 2 3  ? 4.794   -10.481 7.864   1.00 1.41 ? 15 DA B "C3'"  1 
ATOM 446 O "O3'"  . DA B 2 3  ? 4.778   -11.328 6.707   1.00 1.46 ? 15 DA B "O3'"  1 
ATOM 447 C "C2'"  . DA B 2 3  ? 3.870   -9.283  7.687   1.00 1.24 ? 15 DA B "C2'"  1 
ATOM 448 C "C1'"  . DA B 2 3  ? 2.669   -9.608  8.549   1.00 1.10 ? 15 DA B "C1'"  1 
ATOM 449 N N9     . DA B 2 3  ? 2.007   -8.453  9.153   1.00 0.97 ? 15 DA B N9     1 
ATOM 450 C C8     . DA B 2 3  ? 2.544   -7.553  10.040  1.00 1.00 ? 15 DA B C8     1 
ATOM 451 N N7     . DA B 2 3  ? 1.703   -6.627  10.427  1.00 0.89 ? 15 DA B N7     1 
ATOM 452 C C5     . DA B 2 3  ? 0.533   -6.933  9.747   1.00 0.77 ? 15 DA B C5     1 
ATOM 453 C C6     . DA B 2 3  ? -0.733  -6.328  9.729   1.00 0.65 ? 15 DA B C6     1 
ATOM 454 N N6     . DA B 2 3  ? -1.045  -5.254  10.450  1.00 0.62 ? 15 DA B N6     1 
ATOM 455 N N1     . DA B 2 3  ? -1.682  -6.876  8.940   1.00 0.60 ? 15 DA B N1     1 
ATOM 456 C C2     . DA B 2 3  ? -1.369  -7.964  8.225   1.00 0.66 ? 15 DA B C2     1 
ATOM 457 N N3     . DA B 2 3  ? -0.214  -8.627  8.160   1.00 0.78 ? 15 DA B N3     1 
ATOM 458 C C4     . DA B 2 3  ? 0.707   -8.053  8.954   1.00 0.83 ? 15 DA B C4     1 
ATOM 459 H "H5'"  . DA B 2 3  ? 4.660   -11.674 11.102  1.00 1.52 ? 15 DA B "H5'"  1 
ATOM 460 H "H5''" . DA B 2 3  ? 5.725   -12.479 9.931   1.00 1.66 ? 15 DA B "H5''" 1 
ATOM 461 H "H4'"  . DA B 2 3  ? 3.857   -12.200 8.674   1.00 1.41 ? 15 DA B "H4'"  1 
ATOM 462 H "H3'"  . DA B 2 3  ? 5.818   -10.172 8.059   1.00 1.53 ? 15 DA B "H3'"  1 
ATOM 463 H "H2'"  . DA B 2 3  ? 4.357   -8.356  7.989   1.00 1.29 ? 15 DA B "H2'"  1 
ATOM 464 H "H2''" . DA B 2 3  ? 3.560   -9.167  6.648   1.00 1.20 ? 15 DA B "H2''" 1 
ATOM 465 H "H1'"  . DA B 2 3  ? 1.932   -10.186 7.991   1.00 1.02 ? 15 DA B "H1'"  1 
ATOM 466 H H8     . DA B 2 3  ? 3.566   -7.603  10.386  1.00 1.12 ? 15 DA B H8     1 
ATOM 467 H H61    . DA B 2 3  ? -0.352  -4.833  11.051  1.00 0.69 ? 15 DA B H61    1 
ATOM 468 H H62    . DA B 2 3  ? -1.975  -4.862  10.394  1.00 0.56 ? 15 DA B H62    1 
ATOM 469 H H2     . DA B 2 3  ? -2.176  -8.362  7.606   1.00 0.64 ? 15 DA B H2     1 
ATOM 470 P P      . DG B 2 4  ? 5.087   -10.712 5.254   1.00 1.52 ? 16 DG B P      1 
ATOM 471 O OP1    . DG B 2 4  ? 5.822   -11.746 4.485   1.00 1.71 ? 16 DG B OP1    1 
ATOM 472 O OP2    . DG B 2 4  ? 5.681   -9.359  5.418   1.00 1.53 ? 16 DG B OP2    1 
ATOM 473 O "O5'"  . DG B 2 4  ? 3.643   -10.546 4.600   1.00 1.34 ? 16 DG B "O5'"  1 
ATOM 474 C "C5'"  . DG B 2 4  ? 2.553   -11.377 5.005   1.00 1.24 ? 16 DG B "C5'"  1 
ATOM 475 C "C4'"  . DG B 2 4  ? 1.262   -10.881 4.398   1.00 1.10 ? 16 DG B "C4'"  1 
ATOM 476 O "O4'"  . DG B 2 4  ? 0.735   -9.821  5.233   1.00 0.96 ? 16 DG B "O4'"  1 
ATOM 477 C "C3'"  . DG B 2 4  ? 1.395   -10.297 2.988   1.00 1.19 ? 16 DG B "C3'"  1 
ATOM 478 O "O3'"  . DG B 2 4  ? 0.363   -10.814 2.139   1.00 1.21 ? 16 DG B "O3'"  1 
ATOM 479 C "C2'"  . DG B 2 4  ? 1.228   -8.800  3.192   1.00 1.09 ? 16 DG B "C2'"  1 
ATOM 480 C "C1'"  . DG B 2 4  ? 0.357   -8.722  4.429   1.00 0.92 ? 16 DG B "C1'"  1 
ATOM 481 N N9     . DG B 2 4  ? 0.531   -7.504  5.216   1.00 0.83 ? 16 DG B N9     1 
ATOM 482 C C8     . DG B 2 4  ? 1.704   -7.023  5.745   1.00 0.91 ? 16 DG B C8     1 
ATOM 483 N N7     . DG B 2 4  ? 1.559   -5.894  6.382   1.00 0.82 ? 16 DG B N7     1 
ATOM 484 C C5     . DG B 2 4  ? 0.203   -5.613  6.275   1.00 0.67 ? 16 DG B C5     1 
ATOM 485 C C6     . DG B 2 4  ? -0.552  -4.514  6.767   1.00 0.53 ? 16 DG B C6     1 
ATOM 486 O O6     . DG B 2 4  ? -0.160  -3.541  7.418   1.00 0.52 ? 16 DG B O6     1 
ATOM 487 N N1     . DG B 2 4  ? -1.897  -4.623  6.431   1.00 0.44 ? 16 DG B N1     1 
ATOM 488 C C2     . DG B 2 4  ? -2.448  -5.669  5.725   1.00 0.50 ? 16 DG B C2     1 
ATOM 489 N N2     . DG B 2 4  ? -3.769  -5.626  5.529   1.00 0.49 ? 16 DG B N2     1 
ATOM 490 N N3     . DG B 2 4  ? -1.756  -6.692  5.256   1.00 0.62 ? 16 DG B N3     1 
ATOM 491 C C4     . DG B 2 4  ? -0.447  -6.601  5.564   1.00 0.69 ? 16 DG B C4     1 
ATOM 492 H "H5'"  . DG B 2 4  ? 2.465   -11.364 6.091   1.00 1.21 ? 16 DG B "H5'"  1 
ATOM 493 H "H5''" . DG B 2 4  ? 2.732   -12.401 4.675   1.00 1.30 ? 16 DG B "H5''" 1 
ATOM 494 H "H4'"  . DG B 2 4  ? 0.589   -11.737 4.317   1.00 1.06 ? 16 DG B "H4'"  1 
ATOM 495 H "H3'"  . DG B 2 4  ? 2.365   -10.541 2.556   1.00 1.33 ? 16 DG B "H3'"  1 
ATOM 496 H "H2'"  . DG B 2 4  ? 2.191   -8.310  3.333   1.00 1.16 ? 16 DG B "H2'"  1 
ATOM 497 H "H2''" . DG B 2 4  ? 0.746   -8.334  2.335   1.00 1.12 ? 16 DG B "H2''" 1 
ATOM 498 H "H1'"  . DG B 2 4  ? -0.699  -8.831  4.175   1.00 0.85 ? 16 DG B "H1'"  1 
ATOM 499 H H8     . DG B 2 4  ? 2.651   -7.534  5.648   1.00 1.04 ? 16 DG B H8     1 
ATOM 500 H H1     . DG B 2 4  ? -2.487  -3.856  6.740   1.00 0.37 ? 16 DG B H1     1 
ATOM 501 H H21    . DG B 2 4  ? -4.218  -6.376  5.029   1.00 0.55 ? 16 DG B H21    1 
ATOM 502 H H22    . DG B 2 4  ? -4.315  -4.847  5.869   1.00 0.44 ? 16 DG B H22    1 
ATOM 503 P P      . DA B 2 5  ? 0.321   -10.402 0.583   1.00 1.34 ? 17 DA B P      1 
ATOM 504 O OP1    . DA B 2 5  ? 0.070   -11.628 -0.218  1.00 1.47 ? 17 DA B OP1    1 
ATOM 505 O OP2    . DA B 2 5  ? 1.522   -9.575  0.297   1.00 1.43 ? 17 DA B OP2    1 
ATOM 506 O "O5'"  . DA B 2 5  ? -0.960  -9.460  0.471   1.00 1.25 ? 17 DA B "O5'"  1 
ATOM 507 C "C5'"  . DA B 2 5  ? -2.134  -9.723  1.244   1.00 1.15 ? 17 DA B "C5'"  1 
ATOM 508 C "C4'"  . DA B 2 5  ? -3.240  -8.765  0.866   1.00 1.14 ? 17 DA B "C4'"  1 
ATOM 509 O "O4'"  . DA B 2 5  ? -3.240  -7.661  1.804   1.00 1.01 ? 17 DA B "O4'"  1 
ATOM 510 C "C3'"  . DA B 2 5  ? -3.122  -8.134  -0.522  1.00 1.27 ? 17 DA B "C3'"  1 
ATOM 511 O "O3'"  . DA B 2 5  ? -4.425  -7.954  -1.093  1.00 1.30 ? 17 DA B "O3'"  1 
ATOM 512 C "C2'"  . DA B 2 5  ? -2.451  -6.800  -0.241  1.00 1.22 ? 17 DA B "C2'"  1 
ATOM 513 C "C1'"  . DA B 2 5  ? -2.986  -6.438  1.132   1.00 1.06 ? 17 DA B "C1'"  1 
ATOM 514 N N9     . DA B 2 5  ? -2.055  -5.663  1.948   1.00 0.98 ? 17 DA B N9     1 
ATOM 515 C C8     . DA B 2 5  ? -0.743  -5.964  2.177   1.00 1.02 ? 17 DA B C8     1 
ATOM 516 N N7     . DA B 2 5  ? -0.126  -5.097  2.940   1.00 0.96 ? 17 DA B N7     1 
ATOM 517 C C5     . DA B 2 5  ? -1.103  -4.158  3.233   1.00 0.85 ? 17 DA B C5     1 
ATOM 518 C C6     . DA B 2 5  ? -1.083  -2.983  3.998   1.00 0.76 ? 17 DA B C6     1 
ATOM 519 N N6     . DA B 2 5  ? 0.001   -2.536  4.633   1.00 0.76 ? 17 DA B N6     1 
ATOM 520 N N1     . DA B 2 5  ? -2.227  -2.271  4.088   1.00 0.70 ? 17 DA B N1     1 
ATOM 521 C C2     . DA B 2 5  ? -3.314  -2.723  3.449   1.00 0.75 ? 17 DA B C2     1 
ATOM 522 N N3     . DA B 2 5  ? -3.457  -3.814  2.699   1.00 0.83 ? 17 DA B N3     1 
ATOM 523 C C4     . DA B 2 5  ? -2.300  -4.496  2.629   1.00 0.87 ? 17 DA B C4     1 
ATOM 524 H "H5'"  . DA B 2 5  ? -1.909  -9.605  2.304   1.00 1.05 ? 17 DA B "H5'"  1 
ATOM 525 H "H5''" . DA B 2 5  ? -2.470  -10.745 1.064   1.00 1.19 ? 17 DA B "H5''" 1 
ATOM 526 H "H4'"  . DA B 2 5  ? -4.176  -9.328  0.871   1.00 1.15 ? 17 DA B "H4'"  1 
ATOM 527 H "H3'"  . DA B 2 5  ? -2.523  -8.757  -1.186  1.00 1.36 ? 17 DA B "H3'"  1 
ATOM 528 H "H2'"  . DA B 2 5  ? -1.365  -6.893  -0.252  1.00 1.25 ? 17 DA B "H2'"  1 
ATOM 529 H "H2''" . DA B 2 5  ? -2.725  -6.052  -0.984  1.00 1.28 ? 17 DA B "H2''" 1 
ATOM 530 H "H1'"  . DA B 2 5  ? -3.919  -5.891  1.059   1.00 1.04 ? 17 DA B "H1'"  1 
ATOM 531 H H8     . DA B 2 5  ? -0.266  -6.833  1.762   1.00 1.11 ? 17 DA B H8     1 
ATOM 532 H H61    . DA B 2 5  ? 0.866   -3.056  4.575   1.00 0.84 ? 17 DA B H61    1 
ATOM 533 H H62    . DA B 2 5  ? -0.034  -1.679  5.168   1.00 0.71 ? 17 DA B H62    1 
ATOM 534 H H2     . DA B 2 5  ? -4.210  -2.110  3.557   1.00 0.74 ? 17 DA B H2     1 
ATOM 535 P P      . DC B 2 6  ? -4.607  -7.069  -2.425  1.00 1.44 ? 18 DC B P      1 
ATOM 536 O OP1    . DC B 2 6  ? -5.738  -7.636  -3.200  1.00 1.59 ? 18 DC B OP1    1 
ATOM 537 O OP2    . DC B 2 6  ? -3.276  -6.926  -3.069  1.00 1.55 ? 18 DC B OP2    1 
ATOM 538 O "O5'"  . DC B 2 6  ? -5.050  -5.640  -1.874  1.00 1.30 ? 18 DC B "O5'"  1 
ATOM 539 C "C5'"  . DC B 2 6  ? -6.121  -5.517  -0.935  1.00 1.18 ? 18 DC B "C5'"  1 
ATOM 540 C "C4'"  . DC B 2 6  ? -6.680  -4.112  -0.956  1.00 1.10 ? 18 DC B "C4'"  1 
ATOM 541 O "O4'"  . DC B 2 6  ? -5.917  -3.291  -0.040  1.00 1.07 ? 18 DC B "O4'"  1 
ATOM 542 C "C3'"  . DC B 2 6  ? -6.614  -3.402  -2.308  1.00 1.12 ? 18 DC B "C3'"  1 
ATOM 543 O "O3'"  . DC B 2 6  ? -7.762  -2.559  -2.472  1.00 1.10 ? 18 DC B "O3'"  1 
ATOM 544 C "C2'"  . DC B 2 6  ? -5.336  -2.587  -2.210  1.00 1.11 ? 18 DC B "C2'"  1 
ATOM 545 C "C1'"  . DC B 2 6  ? -5.283  -2.228  -0.734  1.00 1.05 ? 18 DC B "C1'"  1 
ATOM 546 N N1     . DC B 2 6  ? -3.923  -2.081  -0.188  1.00 1.02 ? 18 DC B N1     1 
ATOM 547 C C2     . DC B 2 6  ? -3.620  -0.954  0.582   1.00 0.96 ? 18 DC B C2     1 
ATOM 548 O O2     . DC B 2 6  ? -4.500  -0.101  0.772   1.00 0.94 ? 18 DC B O2     1 
ATOM 549 N N3     . DC B 2 6  ? -2.378  -0.821  1.100   1.00 0.94 ? 18 DC B N3     1 
ATOM 550 C C4     . DC B 2 6  ? -1.458  -1.758  0.873   1.00 0.96 ? 18 DC B C4     1 
ATOM 551 N N4     . DC B 2 6  ? -0.255  -1.591  1.423   1.00 0.94 ? 18 DC B N4     1 
ATOM 552 C C5     . DC B 2 6  ? -1.733  -2.910  0.081   1.00 1.03 ? 18 DC B C5     1 
ATOM 553 C C6     . DC B 2 6  ? -2.968  -3.031  -0.423  1.00 1.06 ? 18 DC B C6     1 
ATOM 554 H "H5'"  . DC B 2 6  ? -5.755  -5.739  0.068   1.00 1.13 ? 18 DC B "H5'"  1 
ATOM 555 H "H5''" . DC B 2 6  ? -6.913  -6.219  -1.189  1.00 1.23 ? 18 DC B "H5''" 1 
ATOM 556 H "H4'"  . DC B 2 6  ? -7.737  -4.178  -0.691  1.00 1.08 ? 18 DC B "H4'"  1 
ATOM 557 H "H3'"  . DC B 2 6  ? -6.577  -4.119  -3.128  1.00 1.16 ? 18 DC B "H3'"  1 
ATOM 558 H "H2'"  . DC B 2 6  ? -4.470  -3.168  -2.526  1.00 1.14 ? 18 DC B "H2'"  1 
ATOM 559 H "H2''" . DC B 2 6  ? -5.382  -1.698  -2.837  1.00 1.11 ? 18 DC B "H2''" 1 
ATOM 560 H "H1'"  . DC B 2 6  ? -5.840  -1.312  -0.533  1.00 1.04 ? 18 DC B "H1'"  1 
ATOM 561 H H41    . DC B 2 6  ? 0.473   -2.274  1.288   1.00 0.97 ? 18 DC B H41    1 
ATOM 562 H H42    . DC B 2 6  ? -0.072  -0.774  1.986   1.00 0.90 ? 18 DC B H42    1 
ATOM 563 H H5     . DC B 2 6  ? -0.969  -3.664  -0.107  1.00 1.06 ? 18 DC B H5     1 
ATOM 564 H H6     . DC B 2 6  ? -3.214  -3.903  -1.029  1.00 1.11 ? 18 DC B H6     1 
ATOM 565 P P      . DC B 2 7  ? -7.847  -1.551  -3.723  1.00 1.09 ? 19 DC B P      1 
ATOM 566 O OP1    . DC B 2 7  ? -9.270  -1.488  -4.145  1.00 1.10 ? 19 DC B OP1    1 
ATOM 567 O OP2    . DC B 2 7  ? -6.805  -1.924  -4.715  1.00 1.12 ? 19 DC B OP2    1 
ATOM 568 O "O5'"  . DC B 2 7  ? -7.456  -0.138  -3.099  1.00 1.06 ? 19 DC B "O5'"  1 
ATOM 569 C "C5'"  . DC B 2 7  ? -8.193  0.414   -2.005  1.00 1.03 ? 19 DC B "C5'"  1 
ATOM 570 C "C4'"  . DC B 2 7  ? -8.143  1.923   -2.051  1.00 1.02 ? 19 DC B "C4'"  1 
ATOM 571 O "O4'"  . DC B 2 7  ? -6.897  2.368   -1.467  1.00 1.03 ? 19 DC B "O4'"  1 
ATOM 572 C "C3'"  . DC B 2 7  ? -8.164  2.528   -3.452  1.00 0.99 ? 19 DC B "C3'"  1 
ATOM 573 O "O3'"  . DC B 2 7  ? -8.701  3.856   -3.415  1.00 1.01 ? 19 DC B "O3'"  1 
ATOM 574 C "C2'"  . DC B 2 7  ? -6.693  2.539   -3.821  1.00 0.98 ? 19 DC B "C2'"  1 
ATOM 575 C "C1'"  . DC B 2 7  ? -6.015  2.828   -2.486  1.00 1.00 ? 19 DC B "C1'"  1 
ATOM 576 N N1     . DC B 2 7  ? -4.728  2.139   -2.316  1.00 1.00 ? 19 DC B N1     1 
ATOM 577 C C2     . DC B 2 7  ? -3.695  2.778   -1.621  1.00 1.01 ? 19 DC B C2     1 
ATOM 578 O O2     . DC B 2 7  ? -3.888  3.913   -1.162  1.00 1.03 ? 19 DC B O2     1 
ATOM 579 N N3     . DC B 2 7  ? -2.512  2.139   -1.469  1.00 1.02 ? 19 DC B N3     1 
ATOM 580 C C4     . DC B 2 7  ? -2.344  0.919   -1.987  1.00 1.01 ? 19 DC B C4     1 
ATOM 581 N N4     . DC B 2 7  ? -1.164  0.323   -1.816  1.00 1.02 ? 19 DC B N4     1 
ATOM 582 C C5     . DC B 2 7  ? -3.380  0.255   -2.702  1.00 0.99 ? 19 DC B C5     1 
ATOM 583 C C6     . DC B 2 7  ? -4.543  0.889   -2.833  1.00 0.99 ? 19 DC B C6     1 
ATOM 584 H "H5'"  . DC B 2 7  ? -7.761  0.072   -1.064  1.00 1.01 ? 19 DC B "H5'"  1 
ATOM 585 H "H5''" . DC B 2 7  ? -9.232  0.088   -2.060  1.00 1.04 ? 19 DC B "H5''" 1 
ATOM 586 H "H4'"  . DC B 2 7  ? -9.024  2.302   -1.529  1.00 1.05 ? 19 DC B "H4'"  1 
ATOM 587 H "H3'"  . DC B 2 7  ? -8.752  1.918   -4.137  1.00 0.98 ? 19 DC B "H3'"  1 
ATOM 588 H "H2'"  . DC B 2 7  ? -6.386  1.582   -4.241  1.00 0.97 ? 19 DC B "H2'"  1 
ATOM 589 H "H2''" . DC B 2 7  ? -6.467  3.307   -4.558  1.00 0.98 ? 19 DC B "H2''" 1 
ATOM 590 H "H1'"  . DC B 2 7  ? -5.861  3.900   -2.346  1.00 1.02 ? 19 DC B "H1'"  1 
ATOM 591 H H41    . DC B 2 7  ? -1.005  -0.599  -2.195  1.00 1.02 ? 19 DC B H41    1 
ATOM 592 H H42    . DC B 2 7  ? -0.426  0.792   -1.311  1.00 1.04 ? 19 DC B H42    1 
ATOM 593 H H5     . DC B 2 7  ? -3.228  -0.727  -3.139  1.00 0.99 ? 19 DC B H5     1 
ATOM 594 H H6     . DC B 2 7  ? -5.360  0.396   -3.356  1.00 0.99 ? 19 DC B H6     1 
ATOM 595 P P      . DA B 2 8  ? -8.954  4.658   -4.786  1.00 1.02 ? 20 DA B P      1 
ATOM 596 O OP1    . DA B 2 8  ? -10.359 5.138   -4.788  1.00 1.08 ? 20 DA B OP1    1 
ATOM 597 O OP2    . DA B 2 8  ? -8.465  3.817   -5.910  1.00 0.99 ? 20 DA B OP2    1 
ATOM 598 O "O5'"  . DA B 2 8  ? -7.994  5.924   -4.668  1.00 1.03 ? 20 DA B "O5'"  1 
ATOM 599 C "C5'"  . DA B 2 8  ? -7.644  6.461   -3.392  1.00 1.03 ? 20 DA B "C5'"  1 
ATOM 600 C "C4'"  . DA B 2 8  ? -6.445  7.373   -3.515  1.00 1.01 ? 20 DA B "C4'"  1 
ATOM 601 O "O4'"  . DA B 2 8  ? -5.243  6.598   -3.263  1.00 1.01 ? 20 DA B "O4'"  1 
ATOM 602 C "C3'"  . DA B 2 8  ? -6.237  8.019   -4.887  1.00 0.97 ? 20 DA B "C3'"  1 
ATOM 603 O "O3'"  . DA B 2 8  ? -5.689  9.334   -4.696  1.00 1.01 ? 20 DA B "O3'"  1 
ATOM 604 C "C2'"  . DA B 2 8  ? -5.272  7.052   -5.552  1.00 0.92 ? 20 DA B "C2'"  1 
ATOM 605 C "C1'"  . DA B 2 8  ? -4.385  6.678   -4.390  1.00 0.93 ? 20 DA B "C1'"  1 
ATOM 606 N N9     . DA B 2 8  ? -3.712  5.392   -4.547  1.00 0.90 ? 20 DA B N9     1 
ATOM 607 C C8     . DA B 2 8  ? -4.182  4.288   -5.206  1.00 0.89 ? 20 DA B C8     1 
ATOM 608 N N7     . DA B 2 8  ? -3.367  3.264   -5.173  1.00 0.87 ? 20 DA B N7     1 
ATOM 609 C C5     . DA B 2 8  ? -2.276  3.732   -4.454  1.00 0.88 ? 20 DA B C5     1 
ATOM 610 C C6     . DA B 2 8  ? -1.061  3.134   -4.078  1.00 0.89 ? 20 DA B C6     1 
ATOM 611 N N6     . DA B 2 8  ? -0.725  1.880   -4.386  1.00 0.91 ? 20 DA B N6     1 
ATOM 612 N N1     . DA B 2 8  ? -0.189  3.880   -3.366  1.00 0.91 ? 20 DA B N1     1 
ATOM 613 C C2     . DA B 2 8  ? -0.523  5.141   -3.061  1.00 0.91 ? 20 DA B C2     1 
ATOM 614 N N3     . DA B 2 8  ? -1.629  5.814   -3.361  1.00 0.90 ? 20 DA B N3     1 
ATOM 615 C C4     . DA B 2 8  ? -2.475  5.043   -4.065  1.00 0.89 ? 20 DA B C4     1 
ATOM 616 H "H5'"  . DA B 2 8  ? -7.403  5.648   -2.706  1.00 1.05 ? 20 DA B "H5'"  1 
ATOM 617 H "H5''" . DA B 2 8  ? -8.484  7.031   -2.991  1.00 1.06 ? 20 DA B "H5''" 1 
ATOM 618 H "H4'"  . DA B 2 8  ? -6.580  8.190   -2.805  1.00 1.04 ? 20 DA B "H4'"  1 
ATOM 619 H "H3'"  . DA B 2 8  ? -7.177  8.095   -5.432  1.00 0.97 ? 20 DA B "H3'"  1 
ATOM 620 H "H2'"  . DA B 2 8  ? -5.799  6.191   -5.961  1.00 0.91 ? 20 DA B "H2'"  1 
ATOM 621 H "H2''" . DA B 2 8  ? -4.725  7.513   -6.366  1.00 0.91 ? 20 DA B "H2''" 1 
ATOM 622 H "H1'"  . DA B 2 8  ? -3.637  7.449   -4.197  1.00 0.93 ? 20 DA B "H1'"  1 
ATOM 623 H H8     . DA B 2 8  ? -5.130  4.276   -5.723  1.00 0.90 ? 20 DA B H8     1 
ATOM 624 H H61    . DA B 2 8  ? -1.361  1.304   -4.919  1.00 0.90 ? 20 DA B H61    1 
ATOM 625 H H62    . DA B 2 8  ? 0.172   1.511   -4.095  1.00 0.94 ? 20 DA B H62    1 
ATOM 626 H H2     . DA B 2 8  ? 0.218   5.696   -2.485  1.00 0.92 ? 20 DA B H2     1 
ATOM 627 P P      . DG B 2 9  ? -4.930  10.095  -5.898  1.00 1.01 ? 21 DG B P      1 
ATOM 628 O OP1    . DG B 2 9  ? -5.357  11.517  -5.853  1.00 1.08 ? 21 DG B OP1    1 
ATOM 629 O OP2    . DG B 2 9  ? -5.089  9.329   -7.160  1.00 0.97 ? 21 DG B OP2    1 
ATOM 630 O "O5'"  . DG B 2 9  ? -3.400  10.041  -5.453  1.00 1.08 ? 21 DG B "O5'"  1 
ATOM 631 C "C5'"  . DG B 2 9  ? -3.033  10.247  -4.086  1.00 1.12 ? 21 DG B "C5'"  1 
ATOM 632 C "C4'"  . DG B 2 9  ? -1.560  10.565  -3.976  1.00 1.02 ? 21 DG B "C4'"  1 
ATOM 633 O "O4'"  . DG B 2 9  ? -0.807  9.331   -4.047  1.00 1.09 ? 21 DG B "O4'"  1 
ATOM 634 C "C3'"  . DG B 2 9  ? -0.996  11.449  -5.084  1.00 0.94 ? 21 DG B "C3'"  1 
ATOM 635 O "O3'"  . DG B 2 9  ? 0.099   12.225  -4.582  1.00 0.98 ? 21 DG B "O3'"  1 
ATOM 636 C "C2'"  . DG B 2 9  ? -0.530  10.440  -6.116  1.00 0.76 ? 21 DG B "C2'"  1 
ATOM 637 C "C1'"  . DG B 2 9  ? -0.062  9.274   -5.256  1.00 0.81 ? 21 DG B "C1'"  1 
ATOM 638 N N9     . DG B 2 9  ? -0.282  7.959   -5.849  1.00 0.73 ? 21 DG B N9     1 
ATOM 639 C C8     . DG B 2 9  ? -1.403  7.527   -6.515  1.00 0.74 ? 21 DG B C8     1 
ATOM 640 N N7     . DG B 2 9  ? -1.313  6.292   -6.930  1.00 0.68 ? 21 DG B N7     1 
ATOM 641 C C5     . DG B 2 9  ? -0.054  5.883   -6.513  1.00 0.65 ? 21 DG B C5     1 
ATOM 642 C C6     . DG B 2 9  ? 0.610   4.639   -6.673  1.00 0.63 ? 21 DG B C6     1 
ATOM 643 O O6     . DG B 2 9  ? 0.202   3.613   -7.232  1.00 0.64 ? 21 DG B O6     1 
ATOM 644 N N1     . DG B 2 9  ? 1.875   4.657   -6.097  1.00 0.65 ? 21 DG B N1     1 
ATOM 645 C C2     . DG B 2 9  ? 2.429   5.727   -5.452  1.00 0.66 ? 21 DG B C2     1 
ATOM 646 N N2     . DG B 2 9  ? 3.653   5.534   -4.966  1.00 0.71 ? 21 DG B N2     1 
ATOM 647 N N3     . DG B 2 9  ? 1.828   6.892   -5.294  1.00 0.67 ? 21 DG B N3     1 
ATOM 648 C C4     . DG B 2 9  ? 0.597   6.900   -5.845  1.00 0.67 ? 21 DG B C4     1 
ATOM 649 H "H5'"  . DG B 2 9  ? -3.247  9.347   -3.511  1.00 1.22 ? 21 DG B "H5'"  1 
ATOM 650 H "H5''" . DG B 2 9  ? -3.607  11.078  -3.674  1.00 1.23 ? 21 DG B "H5''" 1 
ATOM 651 H "H4'"  . DG B 2 9  ? -1.409  11.103  -3.038  1.00 1.04 ? 21 DG B "H4'"  1 
ATOM 652 H "H3'"  . DG B 2 9  ? -1.760  12.118  -5.481  1.00 1.04 ? 21 DG B "H3'"  1 
ATOM 653 H "H2'"  . DG B 2 9  ? -1.341  10.158  -6.787  1.00 0.80 ? 21 DG B "H2'"  1 
ATOM 654 H "H2''" . DG B 2 9  ? 0.276   10.842  -6.727  1.00 0.67 ? 21 DG B "H2''" 1 
ATOM 655 H "H1'"  . DG B 2 9  ? 0.996   9.372   -5.005  1.00 0.81 ? 21 DG B "H1'"  1 
ATOM 656 H H8     . DG B 2 9  ? -2.272  8.147   -6.678  1.00 0.81 ? 21 DG B H8     1 
ATOM 657 H H1     . DG B 2 9  ? 2.459   3.837   -6.142  1.00 0.68 ? 21 DG B H1     1 
ATOM 658 H H21    . DG B 2 9  ? 4.114   6.278   -4.481  1.00 0.73 ? 21 DG B H21    1 
ATOM 659 H H22    . DG B 2 9  ? 4.116   4.641   -5.086  1.00 0.74 ? 21 DG B H22    1 
ATOM 660 P P      . DA B 2 10 ? 0.832   13.293  -5.537  1.00 0.96 ? 22 DA B P      1 
ATOM 661 O OP1    . DA B 2 10 ? 0.947   14.574  -4.795  1.00 1.14 ? 22 DA B OP1    1 
ATOM 662 O OP2    . DA B 2 10 ? 0.152   13.271  -6.857  1.00 0.95 ? 22 DA B OP2    1 
ATOM 663 O "O5'"  . DA B 2 10 ? 2.297   12.695  -5.728  1.00 0.85 ? 22 DA B "O5'"  1 
ATOM 664 C "C5'"  . DA B 2 10 ? 2.985   12.076  -4.640  1.00 0.84 ? 22 DA B "C5'"  1 
ATOM 665 C "C4'"  . DA B 2 10 ? 4.430   11.821  -5.007  1.00 0.81 ? 22 DA B "C4'"  1 
ATOM 666 O "O4'"  . DA B 2 10 ? 4.555   10.468  -5.500  1.00 0.81 ? 22 DA B "O4'"  1 
ATOM 667 C "C3'"  . DA B 2 10 ? 4.991   12.710  -6.115  1.00 0.81 ? 22 DA B "C3'"  1 
ATOM 668 O "O3'"  . DA B 2 10 ? 6.403   12.889  -5.951  1.00 0.88 ? 22 DA B "O3'"  1 
ATOM 669 C "C2'"  . DA B 2 10 ? 4.692   11.917  -7.375  1.00 0.79 ? 22 DA B "C2'"  1 
ATOM 670 C "C1'"  . DA B 2 10 ? 4.734   10.466  -6.911  1.00 0.76 ? 22 DA B "C1'"  1 
ATOM 671 N N9     . DA B 2 10 ? 3.689   9.622   -7.491  1.00 0.72 ? 22 DA B N9     1 
ATOM 672 C C8     . DA B 2 10 ? 2.398   9.981   -7.791  1.00 0.74 ? 22 DA B C8     1 
ATOM 673 N N7     . DA B 2 10 ? 1.687   9.010   -8.308  1.00 0.72 ? 22 DA B N7     1 
ATOM 674 C C5     . DA B 2 10 ? 2.568   7.939   -8.353  1.00 0.69 ? 22 DA B C5     1 
ATOM 675 C C6     . DA B 2 10 ? 2.425   6.616   -8.803  1.00 0.69 ? 22 DA B C6     1 
ATOM 676 N N6     . DA B 2 10 ? 1.293   6.127   -9.309  1.00 0.70 ? 22 DA B N6     1 
ATOM 677 N N1     . DA B 2 10 ? 3.498   5.802   -8.713  1.00 0.73 ? 22 DA B N1     1 
ATOM 678 C C2     . DA B 2 10 ? 4.634   6.294   -8.201  1.00 0.77 ? 22 DA B C2     1 
ATOM 679 N N3     . DA B 2 10 ? 4.891   7.518   -7.745  1.00 0.75 ? 22 DA B N3     1 
ATOM 680 C C4     . DA B 2 10 ? 3.805   8.302   -7.852  1.00 0.70 ? 22 DA B C4     1 
ATOM 681 H "H5'"  . DA B 2 10 ? 2.507   11.125  -4.398  1.00 0.84 ? 22 DA B "H5'"  1 
ATOM 682 H "H5''" . DA B 2 10 ? 2.949   12.726  -3.766  1.00 0.92 ? 22 DA B "H5''" 1 
ATOM 683 H "H4'"  . DA B 2 10 ? 5.033   12.010  -4.119  1.00 0.88 ? 22 DA B "H4'"  1 
ATOM 684 H "H3'"  . DA B 2 10 ? 4.503   13.685  -6.122  1.00 0.84 ? 22 DA B "H3'"  1 
ATOM 685 H "H2'"  . DA B 2 10 ? 3.723   12.189  -7.794  1.00 0.79 ? 22 DA B "H2'"  1 
ATOM 686 H "H2''" . DA B 2 10 ? 5.444   12.097  -8.143  1.00 0.85 ? 22 DA B "H2''" 1 
ATOM 687 H "H1'"  . DA B 2 10 ? 5.704   10.014  -7.127  1.00 0.81 ? 22 DA B "H1'"  1 
ATOM 688 H H8     . DA B 2 10 ? 2.007   10.973  -7.619  1.00 0.79 ? 22 DA B H8     1 
ATOM 689 H H61    . DA B 2 10 ? 0.478   6.719   -9.385  1.00 0.72 ? 22 DA B H61    1 
ATOM 690 H H62    . DA B 2 10 ? 1.248   5.165   -9.619  1.00 0.72 ? 22 DA B H62    1 
ATOM 691 H H2     . DA B 2 10 ? 5.466   5.591   -8.150  1.00 0.84 ? 22 DA B H2     1 
ATOM 692 P P      . DG B 2 11 ? 7.216   13.823  -6.977  1.00 0.99 ? 23 DG B P      1 
ATOM 693 O OP1    . DG B 2 11 ? 8.332   14.467  -6.237  1.00 1.10 ? 23 DG B OP1    1 
ATOM 694 O OP2    . DG B 2 11 ? 6.232   14.669  -7.698  1.00 1.03 ? 23 DG B OP2    1 
ATOM 695 O "O5'"  . DG B 2 11 ? 7.840   12.796  -8.024  1.00 1.05 ? 23 DG B "O5'"  1 
ATOM 696 C "C5'"  . DG B 2 11 ? 8.585   11.659  -7.586  1.00 1.08 ? 23 DG B "C5'"  1 
ATOM 697 C "C4'"  . DG B 2 11 ? 9.339   11.048  -8.745  1.00 1.22 ? 23 DG B "C4'"  1 
ATOM 698 O "O4'"  . DG B 2 11 ? 8.500   10.048  -9.369  1.00 1.27 ? 23 DG B "O4'"  1 
ATOM 699 C "C3'"  . DG B 2 11 ? 9.726   12.024  -9.854  1.00 1.36 ? 23 DG B "C3'"  1 
ATOM 700 O "O3'"  . DG B 2 11 ? 10.980  11.649  -10.439 1.00 1.54 ? 23 DG B "O3'"  1 
ATOM 701 C "C2'"  . DG B 2 11 ? 8.600   11.881  -10.862 1.00 1.38 ? 23 DG B "C2'"  1 
ATOM 702 C "C1'"  . DG B 2 11 ? 8.131   10.444  -10.683 1.00 1.29 ? 23 DG B "C1'"  1 
ATOM 703 N N9     . DG B 2 11 ? 6.689   10.255  -10.816 1.00 1.18 ? 23 DG B N9     1 
ATOM 704 C C8     . DG B 2 11 ? 5.704   11.163  -10.511 1.00 1.10 ? 23 DG B C8     1 
ATOM 705 N N7     . DG B 2 11 ? 4.500   10.710  -10.731 1.00 1.06 ? 23 DG B N7     1 
ATOM 706 C C5     . DG B 2 11 ? 4.700   9.424   -11.213 1.00 1.09 ? 23 DG B C5     1 
ATOM 707 C C6     . DG B 2 11 ? 3.763   8.441   -11.627 1.00 1.07 ? 23 DG B C6     1 
ATOM 708 O O6     . DG B 2 11 ? 2.529   8.514   -11.651 1.00 1.04 ? 23 DG B O6     1 
ATOM 709 N N1     . DG B 2 11 ? 4.395   7.275   -12.046 1.00 1.14 ? 23 DG B N1     1 
ATOM 710 C C2     . DG B 2 11 ? 5.753   7.079   -12.063 1.00 1.24 ? 23 DG B C2     1 
ATOM 711 N N2     . DG B 2 11 ? 6.169   5.882   -12.496 1.00 1.34 ? 23 DG B N2     1 
ATOM 712 N N3     . DG B 2 11 ? 6.637   7.986   -11.681 1.00 1.27 ? 23 DG B N3     1 
ATOM 713 C C4     . DG B 2 11 ? 6.046   9.127   -11.272 1.00 1.17 ? 23 DG B C4     1 
ATOM 714 H "H5'"  . DG B 2 11 ? 7.906   10.914  -7.170  1.00 1.06 ? 23 DG B "H5'"  1 
ATOM 715 H "H5''" . DG B 2 11 ? 9.297   11.960  -6.817  1.00 1.17 ? 23 DG B "H5''" 1 
ATOM 716 H "H4'"  . DG B 2 11 ? 10.270  10.638  -8.351  1.00 1.33 ? 23 DG B "H4'"  1 
ATOM 717 H "H3'"  . DG B 2 11 ? 9.801   13.041  -9.471  1.00 1.40 ? 23 DG B "H3'"  1 
ATOM 718 H "H2'"  . DG B 2 11 ? 7.805   12.602  -10.673 1.00 1.39 ? 23 DG B "H2'"  1 
ATOM 719 H "H2''" . DG B 2 11 ? 8.957   12.044  -11.878 1.00 1.62 ? 23 DG B "H2''" 1 
ATOM 720 H "H1'"  . DG B 2 11 ? 8.634   9.779   -11.388 1.00 1.47 ? 23 DG B "H1'"  1 
ATOM 721 H H8     . DG B 2 11 ? 5.905   12.152  -10.130 1.00 1.10 ? 23 DG B H8     1 
ATOM 722 H H1     . DG B 2 11 ? 3.806   6.517   -12.364 1.00 1.13 ? 23 DG B H1     1 
ATOM 723 H H21    . DG B 2 11 ? 7.158   5.681   -12.527 1.00 1.45 ? 23 DG B H21    1 
ATOM 724 H H22    . DG B 2 11 ? 5.500   5.182   -12.791 1.00 1.32 ? 23 DG B H22    1 
ATOM 725 P P      . DG B 2 12 ? 11.923  12.772  -11.102 1.00 1.75 ? 24 DG B P      1 
ATOM 726 O OP1    . DG B 2 12 ? 13.306  12.529  -10.616 1.00 1.89 ? 24 DG B OP1    1 
ATOM 727 O OP2    . DG B 2 12 ? 11.301  14.105  -10.900 1.00 1.74 ? 24 DG B OP2    1 
ATOM 728 O "O5'"  . DG B 2 12 ? 11.883  12.438  -12.660 1.00 1.88 ? 24 DG B "O5'"  1 
ATOM 729 C "C5'"  . DG B 2 12 ? 12.321  11.171  -13.152 1.00 1.93 ? 24 DG B "C5'"  1 
ATOM 730 C "C4'"  . DG B 2 12 ? 11.658  10.868  -14.476 1.00 2.00 ? 24 DG B "C4'"  1 
ATOM 731 O "O4'"  . DG B 2 12 ? 10.261  10.578  -14.239 1.00 1.82 ? 24 DG B "O4'"  1 
ATOM 732 C "C3'"  . DG B 2 12 ? 11.689  12.012  -15.496 1.00 2.18 ? 24 DG B "C3'"  1 
ATOM 733 O "O3'"  . DG B 2 12 ? 12.157  11.543  -16.764 1.00 2.40 ? 24 DG B "O3'"  1 
ATOM 734 C "C2'"  . DG B 2 12 ? 10.239  12.455  -15.602 1.00 2.08 ? 24 DG B "C2'"  1 
ATOM 735 C "C1'"  . DG B 2 12 ? 9.498   11.185  -15.256 1.00 1.90 ? 24 DG B "C1'"  1 
ATOM 736 N N9     . DG B 2 12 ? 8.140   11.370  -14.754 1.00 1.72 ? 24 DG B N9     1 
ATOM 737 C C8     . DG B 2 12 ? 7.692   12.364  -13.919 1.00 1.62 ? 24 DG B C8     1 
ATOM 738 N N7     . DG B 2 12 ? 6.421   12.268  -13.638 1.00 1.51 ? 24 DG B N7     1 
ATOM 739 C C5     . DG B 2 12 ? 6.003   11.140  -14.332 1.00 1.54 ? 24 DG B C5     1 
ATOM 740 C C6     . DG B 2 12 ? 4.723   10.535  -14.418 1.00 1.48 ? 24 DG B C6     1 
ATOM 741 O O6     . DG B 2 12 ? 3.668   10.885  -13.879 1.00 1.41 ? 24 DG B O6     1 
ATOM 742 N N1     . DG B 2 12 ? 4.742   9.409   -15.234 1.00 1.55 ? 24 DG B N1     1 
ATOM 743 C C2     . DG B 2 12 ? 5.850   8.927   -15.884 1.00 1.68 ? 24 DG B C2     1 
ATOM 744 N N2     . DG B 2 12 ? 5.665   7.829   -16.626 1.00 1.75 ? 24 DG B N2     1 
ATOM 745 N N3     . DG B 2 12 ? 7.049   9.480   -15.813 1.00 1.75 ? 24 DG B N3     1 
ATOM 746 C C4     . DG B 2 12 ? 7.052   10.575  -15.026 1.00 1.67 ? 24 DG B C4     1 
ATOM 747 H "H5'"  . DG B 2 12 ? 12.063  10.389  -12.438 1.00 1.83 ? 24 DG B "H5'"  1 
ATOM 748 H "H5''" . DG B 2 12 ? 13.403  11.187  -13.290 1.00 2.08 ? 24 DG B "H5''" 1 
ATOM 749 H "H4'"  . DG B 2 12 ? 12.196  10.033  -14.929 1.00 2.10 ? 24 DG B "H4'"  1 
ATOM 750 H "H3'"  . DG B 2 12 ? 12.334  12.820  -15.158 1.00 2.25 ? 24 DG B "H3'"  1 
ATOM 751 H "HO3'" . DG B 2 12 ? 11.827  10.649  -16.877 1.00 2.79 ? 24 DG B "HO3'" 1 
ATOM 752 H "H2'"  . DG B 2 12 ? 10.021  13.265  -14.906 1.00 2.03 ? 24 DG B "H2'"  1 
ATOM 753 H "H2''" . DG B 2 12 ? 10.005  12.811  -16.605 1.00 2.24 ? 24 DG B "H2''" 1 
ATOM 754 H "H1'"  . DG B 2 12 ? 9.473   10.505  -16.107 1.00 2.00 ? 24 DG B "H1'"  1 
ATOM 755 H H8     . DG B 2 12 ? 8.326   13.148  -13.534 1.00 1.64 ? 24 DG B H8     1 
ATOM 756 H H1     . DG B 2 12 ? 3.871   8.910   -15.354 1.00 1.52 ? 24 DG B H1     1 
ATOM 757 H H21    . DG B 2 12 ? 6.443   7.427   -17.129 1.00 1.87 ? 24 DG B H21    1 
ATOM 758 H H22    . DG B 2 12 ? 4.748   7.405   -16.688 1.00 1.71 ? 24 DG B H22    1 
# 
